data_8UMQ
#
_entry.id   8UMQ
#
_cell.length_a   119.093
_cell.length_b   179.775
_cell.length_c   234.612
_cell.angle_alpha   90.00
_cell.angle_beta   90.00
_cell.angle_gamma   90.00
#
_symmetry.space_group_name_H-M   'I 2 2 2'
#
loop_
_entity.id
_entity.type
_entity.pdbx_description
1 polymer 'REST corepressor 1'
2 polymer 'Lysine-specific histone demethylase 1A'
3 non-polymer '[(2R,3S,4R,5R)-5-(6-amino-9H-purin-9-yl)-3,4-dihydroxyoxolan-2-yl]methyl (2R,3S,4S)-5-[(1R,3S,3aS,13R)-3-(3-benzamidophenyl)-1-hydroxy-10,11-dimethyl-4,6-dioxo-2,3,5,6-tetrahydro-1H-benzo[g]pyrrolo[2,1-e]pteridin-8(4H)-yl]-2,3,4-trihydroxypentyl dihydrogen diphosphate (non-preferred name)'
#
loop_
_entity_poly.entity_id
_entity_poly.type
_entity_poly.pdbx_seq_one_letter_code
_entity_poly.pdbx_strand_id
1 'polypeptide(L)'
;GPLGSPEFRAKRKPPKGMFLSQEDVEAVSANATAATTVLRQLDMELVSVKRQIQNIKQTNSALKEKLDGGIEPYRLPEVI
QKCNARWTTEEQLLAVQAIRKYGRDFQAISDVIGNKSVVQVKNFFVNYRRRFNIDEVLQEWEAE
;
B
2 'polypeptide(L)'
;GSSHHHHHHSSGLVPRGSHMLSGKKAAAAAAAAAAAATGTEAGPGTAGGSENGSEVAAQPAGLSGPAEVGPGAVGERTPR
KKEPPRASPPGGLAEPPGSAGPQAGPTVVPGSATPMETGIAETPEGRRTSRRKRAKVEYREMDESLANLSEDEYYSEEER
NAKAEKEKKLPPPPPQAPPEEENESEPEEPSGVEGAAFQSRLPHDRMTSQEAACFPDIISGPQQTQKVFLFIRNRTLQLW
LDNPKIQLTFEATLQQLEAPYNSDTVLVHRVHSYLERHGLINFGIYKRIKPLPTKKTGKVIIIGSGVSGLAAARQLQSFG
MDVTLLEARDRVGGRVATFRKGNYVADLGAMVVTGLGGNPMAVVSKQVNMELAKIKQKCPLYEANGQAVPKEKDEMVEQE
FNRLLEATSYLSHQLDFNVLNNKPVSLGQALEVVIQLQEKHVKDEQIEHWKKIVKTQEELKELLNKMVNLKEKIKELHQQ
YKEASEVKPPRDITAEFLVKSKHRDLTALCKEYDELAETQGKLEEKLQELEANPPSDVYLSSRDRQILDWHFANLEFANA
TPLSTLSLKHWDQDDDFEFTGSHLTVRNGYSCVPVALAEGLDIKLNTAVRQVRYTASGCEVIAVNTRSTSQTFIYKCDAV
LCTLPLGVLKQQPPAVQFVPPLPEWKTSAVQRMGFGNLNKVVLCFDRVFWDPSVNLFGHVGSTTASRGELFLFWNLYKAP
ILLALVAGEAAGIMENISDDVIVGRCLAILKGIFGSSAVPQPKETVVSRWRADPWARGSYSYVAAGSSGNDYDLMAQPIT
PGPSIPGAPQPIPRLFFAGEHTIRNYPATVHGALLSGLREAGRIADQFLGAMYTLPRQATPGVPAQQSPSM
;
A
#
loop_
_chem_comp.id
_chem_comp.type
_chem_comp.name
_chem_comp.formula
YAO non-polymer '[(2R,3S,4R,5R)-5-(6-amino-9H-purin-9-yl)-3,4-dihydroxyoxolan-2-yl]methyl (2R,3S,4S)-5-[(1R,3S,3aS,13R)-3-(3-benzamidophenyl)-1-hydroxy-10,11-dimethyl-4,6-dioxo-2,3,5,6-tetrahydro-1H-benzo[g]pyrrolo[2,1-e]pteridin-8(4H)-yl]-2,3,4-trihydroxypentyl dihydrogen diphosphate (non-preferred name)' 'C43 H48 N10 O17 P2'
#
# COMPACT_ATOMS: atom_id res chain seq x y z
N ARG A 12 9.87 -11.06 -6.51
CA ARG A 12 9.86 -12.52 -6.43
C ARG A 12 8.99 -13.03 -5.26
N LYS A 13 9.01 -12.34 -4.12
CA LYS A 13 8.43 -12.87 -2.89
C LYS A 13 7.70 -11.78 -2.12
N PRO A 14 6.72 -12.17 -1.28
CA PRO A 14 5.86 -11.17 -0.59
C PRO A 14 6.68 -10.30 0.35
N PRO A 15 6.08 -9.27 0.94
CA PRO A 15 6.70 -8.67 2.12
C PRO A 15 6.81 -9.73 3.18
N LYS A 16 7.79 -9.60 4.06
CA LYS A 16 8.03 -10.65 5.05
C LYS A 16 6.94 -10.58 6.12
N GLY A 17 6.21 -11.69 6.32
CA GLY A 17 5.09 -11.76 7.25
C GLY A 17 3.71 -11.82 6.58
N MET A 18 3.61 -11.06 5.50
CA MET A 18 2.36 -11.11 4.75
C MET A 18 2.31 -12.50 4.19
N PHE A 19 1.20 -13.17 4.36
CA PHE A 19 1.16 -14.53 3.83
C PHE A 19 0.24 -14.50 2.64
N LEU A 20 0.69 -14.96 1.48
CA LEU A 20 -0.14 -14.85 0.26
C LEU A 20 0.13 -16.08 -0.60
N SER A 21 -0.53 -17.17 -0.34
CA SER A 21 -0.26 -18.31 -1.23
C SER A 21 -1.07 -18.09 -2.49
N GLN A 22 -0.58 -18.60 -3.60
CA GLN A 22 -1.42 -18.47 -4.81
C GLN A 22 -2.64 -19.33 -4.56
N GLU A 23 -2.39 -20.56 -4.11
CA GLU A 23 -3.45 -21.53 -3.78
C GLU A 23 -4.45 -20.89 -2.84
N ASP A 24 -3.97 -20.29 -1.76
CA ASP A 24 -4.87 -19.68 -0.76
C ASP A 24 -5.75 -18.65 -1.44
N VAL A 25 -5.13 -17.78 -2.22
CA VAL A 25 -5.85 -16.64 -2.86
C VAL A 25 -7.13 -17.11 -3.54
N GLU A 26 -6.99 -17.97 -4.54
CA GLU A 26 -8.15 -18.47 -5.27
C GLU A 26 -9.26 -18.91 -4.32
N ALA A 27 -8.89 -19.50 -3.19
CA ALA A 27 -9.84 -20.08 -2.27
C ALA A 27 -10.65 -19.04 -1.51
N VAL A 28 -10.12 -17.83 -1.38
CA VAL A 28 -10.82 -16.75 -0.69
C VAL A 28 -11.61 -15.88 -1.64
N SER A 29 -11.41 -16.04 -2.96
CA SER A 29 -12.14 -15.29 -3.98
C SER A 29 -13.21 -16.10 -4.71
N ALA A 30 -13.21 -17.44 -4.57
CA ALA A 30 -14.01 -18.29 -5.45
C ALA A 30 -15.50 -17.95 -5.46
N ASN A 31 -16.01 -17.29 -4.42
CA ASN A 31 -17.33 -16.69 -4.51
C ASN A 31 -17.39 -15.48 -3.59
N ALA A 32 -18.62 -14.97 -3.37
CA ALA A 32 -18.81 -13.76 -2.58
C ALA A 32 -18.34 -13.93 -1.16
N THR A 33 -19.05 -14.84 -0.49
CA THR A 33 -18.91 -15.13 0.95
C THR A 33 -17.90 -16.23 1.20
N ALA A 34 -17.14 -16.65 0.20
CA ALA A 34 -16.17 -17.72 0.46
C ALA A 34 -15.17 -17.26 1.51
N ALA A 35 -14.71 -16.02 1.45
CA ALA A 35 -13.75 -15.55 2.45
C ALA A 35 -14.36 -15.66 3.84
N THR A 36 -15.61 -15.25 4.03
CA THR A 36 -16.14 -15.42 5.40
C THR A 36 -16.28 -16.91 5.68
N THR A 37 -16.73 -17.66 4.69
CA THR A 37 -16.94 -19.10 4.92
C THR A 37 -15.63 -19.76 5.33
N VAL A 38 -14.51 -19.50 4.67
CA VAL A 38 -13.30 -20.25 5.10
C VAL A 38 -12.91 -19.81 6.50
N LEU A 39 -13.01 -18.54 6.80
CA LEU A 39 -12.62 -18.13 8.17
C LEU A 39 -13.55 -18.76 9.19
N ARG A 40 -14.85 -18.89 8.92
CA ARG A 40 -15.69 -19.47 9.98
C ARG A 40 -15.24 -20.89 10.30
N GLN A 41 -14.91 -21.71 9.31
CA GLN A 41 -14.46 -23.09 9.58
C GLN A 41 -13.30 -23.05 10.53
N LEU A 42 -12.30 -22.27 10.18
CA LEU A 42 -11.15 -22.17 11.07
C LEU A 42 -11.55 -21.74 12.47
N ASP A 43 -12.52 -20.83 12.62
CA ASP A 43 -12.98 -20.53 13.98
C ASP A 43 -13.58 -21.76 14.65
N MET A 44 -14.20 -22.64 13.87
CA MET A 44 -14.72 -23.88 14.44
C MET A 44 -13.60 -24.89 14.67
N GLU A 45 -12.77 -25.14 13.65
CA GLU A 45 -11.57 -25.97 13.86
C GLU A 45 -10.78 -25.55 15.09
N LEU A 46 -10.90 -24.28 15.49
CA LEU A 46 -10.14 -23.81 16.63
C LEU A 46 -10.83 -24.21 17.92
N VAL A 47 -12.15 -23.96 18.03
CA VAL A 47 -12.90 -24.43 19.19
C VAL A 47 -12.83 -25.95 19.31
N SER A 48 -13.02 -26.65 18.19
CA SER A 48 -12.89 -28.11 18.11
C SER A 48 -11.65 -28.63 18.84
N VAL A 49 -10.47 -28.13 18.47
CA VAL A 49 -9.23 -28.48 19.16
C VAL A 49 -9.19 -27.93 20.58
N LYS A 50 -9.82 -26.81 20.83
CA LYS A 50 -9.54 -26.14 22.09
C LYS A 50 -10.20 -26.87 23.25
N ARG A 51 -11.39 -27.43 23.04
CA ARG A 51 -11.98 -28.18 24.15
C ARG A 51 -11.50 -29.62 24.17
N GLN A 52 -11.17 -30.19 23.01
CA GLN A 52 -10.38 -31.41 23.02
C GLN A 52 -9.15 -31.30 23.91
N ILE A 53 -8.53 -30.11 24.03
CA ILE A 53 -7.45 -29.94 24.99
C ILE A 53 -7.97 -30.07 26.41
N GLN A 54 -8.91 -29.21 26.83
CA GLN A 54 -9.39 -29.35 28.21
C GLN A 54 -9.95 -30.73 28.51
N ASN A 55 -10.25 -31.52 27.51
CA ASN A 55 -10.81 -32.82 27.79
C ASN A 55 -9.72 -33.88 28.00
N ILE A 56 -8.60 -33.81 27.29
CA ILE A 56 -7.40 -34.56 27.69
C ILE A 56 -6.74 -33.93 28.91
N LYS A 57 -6.83 -32.61 29.06
CA LYS A 57 -6.30 -31.95 30.25
C LYS A 57 -7.06 -32.41 31.47
N GLN A 58 -8.35 -32.71 31.30
CA GLN A 58 -9.20 -33.26 32.35
C GLN A 58 -8.85 -34.72 32.61
N THR A 59 -8.81 -35.53 31.55
CA THR A 59 -8.49 -36.96 31.66
C THR A 59 -7.09 -37.21 32.22
N ASN A 60 -6.11 -36.39 31.85
CA ASN A 60 -4.79 -36.59 32.43
C ASN A 60 -4.68 -36.08 33.86
N SER A 61 -5.55 -35.18 34.30
CA SER A 61 -5.49 -34.81 35.72
C SER A 61 -6.02 -35.94 36.61
N ALA A 62 -6.93 -36.75 36.08
CA ALA A 62 -7.38 -37.94 36.81
C ALA A 62 -6.27 -38.99 36.89
N LEU A 63 -5.77 -39.45 35.73
CA LEU A 63 -4.64 -40.38 35.71
C LEU A 63 -3.45 -39.87 36.52
N LYS A 64 -3.37 -38.56 36.74
CA LYS A 64 -2.24 -37.99 37.46
C LYS A 64 -2.42 -38.17 38.97
N GLU A 65 -3.67 -38.15 39.45
CA GLU A 65 -3.91 -38.31 40.88
C GLU A 65 -3.79 -39.77 41.32
N LYS A 66 -4.20 -40.71 40.48
CA LYS A 66 -4.02 -42.12 40.81
C LYS A 66 -2.54 -42.45 41.07
N LEU A 67 -1.65 -41.62 40.54
CA LEU A 67 -0.22 -41.86 40.79
C LEU A 67 0.15 -41.10 42.04
N ASP A 68 -0.84 -40.77 42.86
CA ASP A 68 -0.43 -39.99 44.05
C ASP A 68 0.52 -40.81 44.90
N GLY A 69 1.61 -40.22 45.35
CA GLY A 69 2.58 -40.89 46.23
C GLY A 69 3.61 -41.68 45.48
N GLY A 70 3.51 -41.76 44.16
CA GLY A 70 4.51 -42.51 43.40
C GLY A 70 4.62 -43.94 43.86
N ILE A 71 5.82 -44.44 44.04
CA ILE A 71 6.00 -45.83 44.51
C ILE A 71 6.92 -45.78 45.71
N GLU A 72 6.85 -44.73 46.50
CA GLU A 72 7.83 -44.63 47.61
C GLU A 72 7.67 -45.78 48.57
N PRO A 73 6.46 -46.22 48.93
CA PRO A 73 6.33 -47.33 49.82
C PRO A 73 6.82 -48.65 49.23
N TYR A 74 6.74 -48.80 47.92
CA TYR A 74 7.05 -50.09 47.29
C TYR A 74 8.54 -50.21 46.96
N ARG A 75 9.39 -49.32 47.42
CA ARG A 75 10.80 -49.44 46.99
C ARG A 75 11.58 -50.34 47.93
N LEU A 76 12.66 -50.95 47.46
CA LEU A 76 13.42 -51.79 48.36
C LEU A 76 14.85 -51.29 48.47
N PRO A 77 15.41 -51.22 49.67
CA PRO A 77 16.79 -50.74 49.83
C PRO A 77 17.78 -51.58 49.03
N GLU A 78 19.02 -51.10 49.00
CA GLU A 78 20.08 -51.62 48.14
C GLU A 78 20.98 -52.64 48.84
N VAL A 79 21.11 -53.80 48.21
CA VAL A 79 22.09 -54.81 48.61
C VAL A 79 23.42 -54.39 48.00
N ILE A 80 24.30 -53.79 48.81
CA ILE A 80 25.65 -53.44 48.38
C ILE A 80 26.53 -54.63 48.74
N GLN A 81 26.73 -55.57 47.82
CA GLN A 81 27.48 -56.76 48.21
C GLN A 81 28.62 -57.06 47.25
N LYS A 82 29.78 -57.34 47.84
CA LYS A 82 31.04 -57.46 47.10
C LYS A 82 31.06 -58.76 46.31
N CYS A 83 31.46 -58.65 45.05
CA CYS A 83 31.15 -59.64 44.02
C CYS A 83 32.20 -60.75 44.03
N ASN A 84 31.88 -61.88 44.69
CA ASN A 84 32.76 -62.99 45.05
C ASN A 84 33.01 -63.94 43.86
N ALA A 85 33.94 -64.87 44.06
CA ALA A 85 34.47 -65.73 43.01
C ALA A 85 33.94 -67.17 43.07
N ARG A 86 33.95 -67.79 44.25
CA ARG A 86 33.56 -69.18 44.42
C ARG A 86 32.03 -69.32 44.32
N TRP A 87 31.59 -70.53 43.97
CA TRP A 87 30.17 -70.86 43.76
C TRP A 87 29.64 -71.75 44.90
N THR A 88 29.18 -71.15 45.99
CA THR A 88 28.56 -71.99 47.01
C THR A 88 27.44 -72.79 46.36
N THR A 89 27.28 -74.04 46.78
CA THR A 89 26.20 -74.87 46.27
C THR A 89 24.87 -74.13 46.31
N GLU A 90 24.66 -73.29 47.34
CA GLU A 90 23.49 -72.44 47.37
C GLU A 90 23.42 -71.59 46.12
N GLU A 91 24.52 -70.88 45.83
CA GLU A 91 24.53 -69.98 44.68
C GLU A 91 24.38 -70.77 43.37
N GLN A 92 24.97 -71.97 43.31
CA GLN A 92 24.79 -72.83 42.14
C GLN A 92 23.32 -73.12 41.90
N LEU A 93 22.55 -73.37 42.98
CA LEU A 93 21.16 -73.77 42.84
C LEU A 93 20.28 -72.60 42.49
N LEU A 94 20.52 -71.43 43.10
CA LEU A 94 19.85 -70.22 42.64
C LEU A 94 20.05 -70.00 41.14
N ALA A 95 21.26 -70.32 40.64
CA ALA A 95 21.57 -70.14 39.23
C ALA A 95 20.64 -70.95 38.35
N VAL A 96 20.64 -72.28 38.52
CA VAL A 96 19.78 -73.15 37.73
C VAL A 96 18.32 -72.69 37.76
N GLN A 97 17.84 -72.27 38.93
CA GLN A 97 16.45 -71.81 38.97
C GLN A 97 16.26 -70.49 38.24
N ALA A 98 17.28 -69.62 38.28
CA ALA A 98 17.19 -68.37 37.54
C ALA A 98 17.25 -68.61 36.04
N ILE A 99 18.16 -69.47 35.58
CA ILE A 99 18.20 -69.86 34.17
C ILE A 99 16.83 -70.35 33.72
N ARG A 100 16.15 -71.11 34.57
CA ARG A 100 14.81 -71.61 34.23
C ARG A 100 13.78 -70.48 34.12
N LYS A 101 13.93 -69.47 34.95
CA LYS A 101 12.87 -68.46 34.90
C LYS A 101 13.38 -67.23 34.18
N TYR A 102 14.63 -67.20 33.80
CA TYR A 102 15.06 -65.94 33.16
C TYR A 102 15.64 -66.16 31.77
N GLY A 103 15.60 -67.36 31.23
CA GLY A 103 16.16 -67.52 29.89
C GLY A 103 17.64 -67.17 29.83
N ARG A 104 18.06 -66.29 28.93
CA ARG A 104 19.50 -65.98 28.85
C ARG A 104 19.78 -64.58 29.37
N ASP A 105 18.84 -63.97 30.07
CA ASP A 105 19.06 -62.58 30.49
C ASP A 105 19.98 -62.59 31.68
N PHE A 106 21.27 -62.59 31.45
CA PHE A 106 22.23 -62.73 32.57
C PHE A 106 22.10 -61.63 33.62
N GLN A 107 21.83 -60.40 33.22
CA GLN A 107 21.75 -59.29 34.20
C GLN A 107 20.76 -59.68 35.29
N ALA A 108 19.65 -60.27 34.89
CA ALA A 108 18.70 -60.78 35.88
C ALA A 108 19.31 -61.89 36.71
N ILE A 109 19.84 -62.93 36.04
CA ILE A 109 20.51 -64.00 36.77
C ILE A 109 21.63 -63.45 37.65
N SER A 110 22.35 -62.45 37.16
CA SER A 110 23.36 -61.82 38.03
C SER A 110 22.72 -61.12 39.21
N ASP A 111 21.55 -60.50 39.01
CA ASP A 111 20.94 -59.77 40.12
C ASP A 111 20.28 -60.70 41.12
N VAL A 112 19.82 -61.86 40.66
CA VAL A 112 19.25 -62.84 41.58
C VAL A 112 20.35 -63.43 42.46
N ILE A 113 21.42 -63.93 41.86
CA ILE A 113 22.48 -64.55 42.64
C ILE A 113 23.18 -63.52 43.53
N GLY A 114 23.27 -62.27 43.09
CA GLY A 114 23.62 -61.17 43.97
C GLY A 114 25.11 -60.90 44.12
N ASN A 115 25.94 -61.93 44.07
CA ASN A 115 27.39 -61.73 44.19
C ASN A 115 28.11 -62.49 43.08
N LYS A 116 27.51 -62.56 41.90
CA LYS A 116 28.23 -63.05 40.75
C LYS A 116 28.05 -62.06 39.60
N SER A 117 29.17 -61.50 39.16
CA SER A 117 29.24 -60.67 37.96
C SER A 117 28.60 -61.35 36.77
N VAL A 118 28.13 -60.54 35.82
CA VAL A 118 27.45 -61.04 34.62
C VAL A 118 28.35 -61.99 33.81
N VAL A 119 29.65 -61.97 34.06
CA VAL A 119 30.59 -62.79 33.30
C VAL A 119 30.93 -64.06 34.07
N GLN A 120 30.85 -64.01 35.41
CA GLN A 120 30.87 -65.28 36.12
C GLN A 120 29.62 -66.08 35.75
N VAL A 121 28.64 -65.37 35.25
CA VAL A 121 27.42 -66.11 34.88
C VAL A 121 27.65 -66.84 33.57
N LYS A 122 28.30 -66.21 32.62
CA LYS A 122 28.38 -66.92 31.32
C LYS A 122 29.22 -68.17 31.52
N ASN A 123 30.36 -67.97 32.19
CA ASN A 123 31.33 -69.06 32.43
C ASN A 123 30.58 -70.21 33.06
N PHE A 124 29.84 -69.86 34.11
CA PHE A 124 28.92 -70.82 34.70
C PHE A 124 28.17 -71.61 33.64
N PHE A 125 27.68 -70.92 32.60
CA PHE A 125 26.88 -71.54 31.56
C PHE A 125 27.60 -72.64 30.82
N VAL A 126 28.93 -72.62 30.80
CA VAL A 126 29.70 -73.63 30.09
C VAL A 126 30.37 -74.60 31.05
N ASN A 127 30.89 -74.10 32.18
CA ASN A 127 31.53 -74.98 33.15
C ASN A 127 30.55 -76.07 33.63
N TYR A 128 29.42 -75.64 34.18
CA TYR A 128 28.45 -76.57 34.73
C TYR A 128 27.38 -76.97 33.72
N ARG A 129 27.52 -76.51 32.46
CA ARG A 129 26.69 -76.95 31.34
C ARG A 129 26.28 -78.43 31.36
N ARG A 130 27.24 -79.33 31.45
CA ARG A 130 26.79 -80.73 31.27
C ARG A 130 26.22 -81.27 32.57
N ARG A 131 26.72 -80.78 33.68
CA ARG A 131 26.24 -81.33 34.96
C ARG A 131 24.87 -80.76 35.27
N PHE A 132 24.55 -79.59 34.76
CA PHE A 132 23.22 -79.08 35.12
C PHE A 132 22.25 -79.16 33.96
N ASN A 133 22.57 -79.88 32.89
CA ASN A 133 21.61 -80.03 31.77
C ASN A 133 21.03 -78.69 31.36
N ILE A 134 21.89 -77.69 31.18
CA ILE A 134 21.38 -76.34 30.84
C ILE A 134 20.60 -76.38 29.53
N ASP A 135 21.10 -77.14 28.57
CA ASP A 135 20.35 -77.37 27.32
C ASP A 135 18.93 -77.74 27.73
N GLU A 136 18.76 -78.68 28.65
CA GLU A 136 17.35 -78.98 28.92
C GLU A 136 16.69 -77.81 29.62
N VAL A 137 17.38 -77.23 30.60
CA VAL A 137 16.77 -76.17 31.37
C VAL A 137 16.40 -75.01 30.46
N LEU A 138 17.30 -74.66 29.53
CA LEU A 138 17.06 -73.55 28.61
C LEU A 138 15.94 -73.86 27.63
N GLN A 139 15.90 -75.08 27.08
CA GLN A 139 14.84 -75.40 26.14
C GLN A 139 13.46 -75.38 26.79
N GLU A 140 13.38 -75.58 28.11
CA GLU A 140 12.08 -75.45 28.76
C GLU A 140 11.75 -74.01 29.14
N TRP A 141 12.76 -73.16 29.32
CA TRP A 141 12.48 -71.72 29.35
C TRP A 141 11.84 -71.27 28.05
N GLU A 142 12.20 -71.99 27.00
CA GLU A 142 11.67 -71.69 25.65
C GLU A 142 10.24 -72.17 25.61
N ALA A 143 9.88 -73.13 26.45
CA ALA A 143 8.49 -73.63 26.40
C ALA A 143 7.51 -72.50 26.72
N GLU A 144 7.82 -71.66 27.70
CA GLU A 144 6.90 -70.55 28.02
C GLU A 144 7.21 -69.37 27.08
N PRO B 190 20.92 17.04 -8.47
CA PRO B 190 21.80 17.17 -9.64
C PRO B 190 22.15 18.64 -10.00
N SER B 191 23.35 18.88 -10.55
CA SER B 191 23.84 20.23 -10.84
C SER B 191 24.68 20.25 -12.13
N GLY B 192 24.86 21.45 -12.66
CA GLY B 192 25.58 21.67 -13.90
C GLY B 192 24.64 21.95 -15.06
N VAL B 193 25.13 21.65 -16.27
CA VAL B 193 24.19 21.59 -17.39
C VAL B 193 23.25 20.42 -17.17
N GLU B 194 23.71 19.36 -16.48
CA GLU B 194 22.88 18.20 -16.22
C GLU B 194 21.78 18.46 -15.21
N GLY B 195 21.94 19.47 -14.35
CA GLY B 195 20.84 19.84 -13.48
C GLY B 195 19.70 20.44 -14.26
N ALA B 196 20.02 21.14 -15.35
CA ALA B 196 18.98 21.73 -16.19
C ALA B 196 18.15 20.66 -16.90
N ALA B 197 18.80 19.58 -17.36
CA ALA B 197 18.06 18.50 -17.99
C ALA B 197 17.09 17.85 -17.01
N PHE B 198 17.57 17.56 -15.80
CA PHE B 198 16.73 16.98 -14.77
C PHE B 198 15.61 17.93 -14.35
N GLN B 199 15.93 19.21 -14.21
CA GLN B 199 14.89 20.16 -13.82
C GLN B 199 13.90 20.38 -14.95
N SER B 200 14.28 20.03 -16.18
CA SER B 200 13.39 20.09 -17.34
C SER B 200 12.73 18.74 -17.65
N ARG B 201 12.81 17.78 -16.72
CA ARG B 201 12.19 16.46 -16.86
C ARG B 201 12.75 15.67 -18.04
N LEU B 202 14.06 15.80 -18.31
CA LEU B 202 14.73 15.26 -19.50
C LEU B 202 15.99 14.48 -19.14
N PRO B 203 16.20 13.28 -19.71
CA PRO B 203 17.48 12.59 -19.51
C PRO B 203 18.62 13.40 -20.11
N HIS B 204 19.66 13.65 -19.31
CA HIS B 204 20.72 14.57 -19.74
C HIS B 204 21.65 13.98 -20.79
N ASP B 205 21.61 12.67 -20.99
CA ASP B 205 22.59 11.95 -21.81
C ASP B 205 21.93 11.05 -22.84
N ARG B 206 20.65 11.30 -23.14
CA ARG B 206 19.90 10.57 -24.16
C ARG B 206 18.96 11.53 -24.86
N MET B 207 18.74 11.30 -26.14
CA MET B 207 17.73 12.08 -26.85
C MET B 207 16.36 11.46 -26.59
N THR B 208 15.36 12.31 -26.27
CA THR B 208 14.00 11.84 -26.05
C THR B 208 13.32 11.49 -27.36
N SER B 209 12.17 10.82 -27.27
CA SER B 209 11.43 10.47 -28.49
C SER B 209 10.89 11.72 -29.19
N GLN B 210 10.39 12.68 -28.39
CA GLN B 210 10.16 14.06 -28.85
C GLN B 210 11.26 14.54 -29.78
N GLU B 211 12.51 14.39 -29.34
CA GLU B 211 13.66 14.97 -30.03
C GLU B 211 14.04 14.17 -31.25
N ALA B 212 13.86 12.85 -31.22
CA ALA B 212 14.05 12.10 -32.44
C ALA B 212 13.09 12.57 -33.51
N ALA B 213 11.88 12.95 -33.12
CA ALA B 213 10.92 13.37 -34.13
C ALA B 213 11.38 14.64 -34.84
N CYS B 214 11.92 15.61 -34.09
CA CYS B 214 12.34 16.86 -34.71
C CYS B 214 13.77 16.85 -35.24
N PHE B 215 14.61 15.93 -34.79
CA PHE B 215 16.02 15.93 -35.17
C PHE B 215 16.41 14.52 -35.63
N PRO B 216 15.68 13.95 -36.58
CA PRO B 216 15.96 12.55 -36.97
C PRO B 216 17.25 12.39 -37.70
N ASP B 217 17.77 13.47 -38.30
CA ASP B 217 19.17 13.47 -38.74
C ASP B 217 20.14 13.16 -37.59
N ILE B 218 20.03 13.89 -36.46
CA ILE B 218 21.02 13.77 -35.39
C ILE B 218 20.93 12.42 -34.68
N ILE B 219 19.74 12.02 -34.24
CA ILE B 219 19.62 10.78 -33.48
C ILE B 219 19.96 9.55 -34.32
N SER B 220 19.78 9.60 -35.65
CA SER B 220 20.22 8.45 -36.44
C SER B 220 21.67 8.59 -36.87
N GLY B 221 22.31 9.69 -36.50
CA GLY B 221 23.63 10.02 -36.94
C GLY B 221 24.69 9.54 -35.97
N PRO B 222 25.89 10.10 -36.10
CA PRO B 222 27.01 9.63 -35.28
C PRO B 222 26.95 10.13 -33.83
N GLN B 223 27.43 9.25 -32.93
CA GLN B 223 27.39 9.48 -31.49
C GLN B 223 27.98 10.82 -31.08
N GLN B 224 28.96 11.30 -31.83
CA GLN B 224 29.52 12.61 -31.50
C GLN B 224 28.47 13.68 -31.67
N THR B 225 27.81 13.69 -32.82
CA THR B 225 26.79 14.70 -33.08
C THR B 225 25.72 14.71 -31.99
N GLN B 226 25.29 13.51 -31.54
CA GLN B 226 24.24 13.44 -30.53
C GLN B 226 24.69 14.14 -29.25
N LYS B 227 25.96 13.98 -28.88
CA LYS B 227 26.45 14.60 -27.65
C LYS B 227 26.50 16.13 -27.78
N VAL B 228 26.97 16.62 -28.93
CA VAL B 228 26.95 18.06 -29.18
C VAL B 228 25.54 18.60 -29.03
N PHE B 229 24.61 17.99 -29.75
CA PHE B 229 23.20 18.35 -29.61
C PHE B 229 22.80 18.34 -28.14
N LEU B 230 23.00 17.20 -27.47
CA LEU B 230 22.56 17.06 -26.09
C LEU B 230 23.13 18.17 -25.21
N PHE B 231 24.40 18.53 -25.41
CA PHE B 231 24.95 19.65 -24.65
C PHE B 231 24.21 20.95 -24.96
N ILE B 232 24.06 21.25 -26.25
CA ILE B 232 23.41 22.49 -26.64
C ILE B 232 22.03 22.58 -26.00
N ARG B 233 21.32 21.45 -25.95
CA ARG B 233 19.98 21.36 -25.37
C ARG B 233 20.04 21.69 -23.88
N ASN B 234 20.92 20.98 -23.14
CA ASN B 234 21.08 21.16 -21.70
C ASN B 234 21.54 22.57 -21.38
N ARG B 235 22.54 23.06 -22.14
CA ARG B 235 23.09 24.38 -21.90
C ARG B 235 22.03 25.47 -22.07
N THR B 236 21.23 25.40 -23.13
CA THR B 236 20.19 26.41 -23.31
C THR B 236 19.15 26.31 -22.21
N LEU B 237 18.78 25.10 -21.81
CA LEU B 237 17.84 24.95 -20.71
C LEU B 237 18.39 25.62 -19.45
N GLN B 238 19.69 25.40 -19.19
CA GLN B 238 20.34 25.97 -18.01
C GLN B 238 20.26 27.48 -18.04
N LEU B 239 20.51 28.09 -19.21
CA LEU B 239 20.42 29.53 -19.33
C LEU B 239 19.02 30.02 -18.98
N TRP B 240 18.00 29.44 -19.60
CA TRP B 240 16.63 29.86 -19.30
C TRP B 240 16.34 29.69 -17.83
N LEU B 241 16.75 28.55 -17.28
CA LEU B 241 16.46 28.25 -15.89
C LEU B 241 17.10 29.27 -14.96
N ASP B 242 18.36 29.62 -15.23
CA ASP B 242 19.14 30.45 -14.32
C ASP B 242 18.55 31.86 -14.20
N ASN B 243 17.67 32.21 -15.11
CA ASN B 243 17.01 33.50 -15.10
C ASN B 243 15.72 33.41 -15.91
N PRO B 244 14.60 33.12 -15.27
CA PRO B 244 13.39 32.91 -16.05
C PRO B 244 12.47 34.12 -16.00
N LYS B 245 12.95 35.31 -15.62
CA LYS B 245 12.09 36.49 -15.73
C LYS B 245 12.32 37.28 -17.02
N ILE B 246 13.22 36.82 -17.91
CA ILE B 246 13.52 37.49 -19.17
C ILE B 246 13.61 36.47 -20.28
N GLN B 247 13.07 36.81 -21.44
CA GLN B 247 13.12 35.92 -22.59
C GLN B 247 14.55 35.51 -22.92
N LEU B 248 14.70 34.28 -23.39
CA LEU B 248 15.97 33.79 -23.92
C LEU B 248 15.92 33.78 -25.44
N THR B 249 16.45 34.83 -26.04
CA THR B 249 16.56 34.93 -27.50
C THR B 249 17.65 34.02 -28.01
N PHE B 250 17.54 33.68 -29.30
CA PHE B 250 18.53 32.85 -29.96
C PHE B 250 19.92 33.48 -29.89
N GLU B 251 20.00 34.79 -30.08
CA GLU B 251 21.26 35.51 -29.98
C GLU B 251 21.88 35.29 -28.60
N ALA B 252 21.11 35.57 -27.54
CA ALA B 252 21.60 35.42 -26.17
C ALA B 252 22.20 34.03 -25.97
N THR B 253 21.59 33.01 -26.57
CA THR B 253 22.05 31.64 -26.38
C THR B 253 23.40 31.42 -27.04
N LEU B 254 23.47 31.72 -28.34
CA LEU B 254 24.68 31.49 -29.12
C LEU B 254 25.87 32.26 -28.56
N GLN B 255 25.64 33.51 -28.16
CA GLN B 255 26.61 34.27 -27.37
C GLN B 255 27.30 33.39 -26.34
N GLN B 256 26.51 32.79 -25.44
CA GLN B 256 27.05 32.21 -24.22
C GLN B 256 27.45 30.75 -24.37
N LEU B 257 27.40 30.29 -25.59
CA LEU B 257 27.87 28.93 -25.90
C LEU B 257 29.34 29.06 -26.27
N GLU B 258 30.09 27.97 -26.17
CA GLU B 258 31.51 28.10 -26.52
C GLU B 258 31.84 27.13 -27.63
N ALA B 259 32.92 27.39 -28.35
CA ALA B 259 33.28 26.41 -29.39
C ALA B 259 33.75 25.16 -28.67
N PRO B 260 33.48 23.97 -29.20
CA PRO B 260 33.02 23.83 -30.56
C PRO B 260 31.50 23.81 -30.63
N TYR B 261 30.86 23.99 -29.49
CA TYR B 261 29.40 23.94 -29.41
C TYR B 261 28.79 25.07 -30.21
N ASN B 262 29.38 26.25 -30.24
CA ASN B 262 28.75 27.33 -31.02
C ASN B 262 29.30 27.40 -32.43
N SER B 263 30.05 26.41 -32.87
CA SER B 263 30.54 26.41 -34.26
C SER B 263 29.37 26.31 -35.22
N ASP B 264 28.39 25.48 -34.90
CA ASP B 264 27.29 25.25 -35.86
C ASP B 264 26.09 26.11 -35.49
N THR B 265 25.82 27.17 -36.23
CA THR B 265 24.68 28.02 -35.84
C THR B 265 23.35 27.35 -36.12
N VAL B 266 23.17 26.70 -37.25
CA VAL B 266 21.82 26.17 -37.50
C VAL B 266 21.46 25.08 -36.50
N LEU B 267 22.42 24.26 -36.07
CA LEU B 267 22.13 23.33 -34.98
C LEU B 267 21.69 24.08 -33.72
N VAL B 268 22.38 25.17 -33.39
CA VAL B 268 21.94 25.94 -32.22
C VAL B 268 20.62 26.63 -32.49
N HIS B 269 20.37 27.10 -33.72
CA HIS B 269 19.07 27.72 -33.98
C HIS B 269 17.95 26.68 -33.96
N ARG B 270 18.23 25.56 -34.59
CA ARG B 270 17.24 24.48 -34.66
C ARG B 270 16.93 24.14 -33.22
N VAL B 271 17.95 23.91 -32.41
CA VAL B 271 17.66 23.47 -31.04
C VAL B 271 16.91 24.53 -30.28
N HIS B 272 17.29 25.79 -30.37
CA HIS B 272 16.60 26.76 -29.50
C HIS B 272 15.14 26.85 -29.86
N SER B 273 14.82 26.84 -31.13
CA SER B 273 13.42 26.95 -31.53
C SER B 273 12.64 25.75 -31.01
N TYR B 274 13.21 24.56 -31.06
CA TYR B 274 12.48 23.37 -30.56
C TYR B 274 12.17 23.56 -29.10
N LEU B 275 13.10 24.04 -28.31
CA LEU B 275 12.77 24.24 -26.91
C LEU B 275 11.72 25.32 -26.80
N GLU B 276 11.85 26.39 -27.56
CA GLU B 276 10.87 27.47 -27.41
C GLU B 276 9.48 26.97 -27.78
N ARG B 277 9.36 26.20 -28.85
CA ARG B 277 8.02 25.81 -29.28
C ARG B 277 7.36 24.97 -28.21
N HIS B 278 8.08 24.06 -27.60
CA HIS B 278 7.40 23.17 -26.64
C HIS B 278 7.37 23.68 -25.23
N GLY B 279 7.68 24.93 -24.99
CA GLY B 279 7.50 25.42 -23.62
C GLY B 279 8.57 24.97 -22.70
N LEU B 280 9.71 24.61 -23.21
CA LEU B 280 10.76 24.23 -22.29
C LEU B 280 11.56 25.44 -21.85
N ILE B 281 11.51 26.52 -22.63
CA ILE B 281 12.16 27.78 -22.33
C ILE B 281 11.21 28.87 -22.78
N ASN B 282 11.25 30.03 -22.11
CA ASN B 282 10.31 31.13 -22.38
C ASN B 282 8.87 30.62 -22.33
N PHE B 283 8.50 30.08 -21.17
CA PHE B 283 7.11 29.79 -20.84
C PHE B 283 6.75 30.48 -19.54
N GLY B 284 5.48 30.77 -19.37
CA GLY B 284 5.02 31.40 -18.14
C GLY B 284 4.98 32.91 -18.28
N ILE B 285 5.65 33.60 -17.35
CA ILE B 285 5.63 35.05 -17.34
C ILE B 285 7.06 35.57 -17.40
N TYR B 286 7.41 36.16 -18.54
CA TYR B 286 8.72 36.72 -18.80
C TYR B 286 8.57 38.06 -19.51
N LYS B 287 9.52 38.98 -19.24
CA LYS B 287 9.67 40.16 -20.08
C LYS B 287 10.18 39.76 -21.45
N ARG B 288 9.43 40.15 -22.47
CA ARG B 288 9.85 39.90 -23.83
C ARG B 288 10.94 40.90 -24.19
N ILE B 289 12.01 40.41 -24.81
CA ILE B 289 12.94 41.32 -25.46
C ILE B 289 12.35 41.90 -26.73
N LYS B 290 12.08 40.98 -27.66
CA LYS B 290 11.46 41.32 -28.95
C LYS B 290 9.96 41.43 -28.71
N PRO B 291 9.35 42.61 -28.84
CA PRO B 291 7.92 42.72 -28.63
C PRO B 291 7.12 42.02 -29.71
N LEU B 292 5.87 41.74 -29.38
CA LEU B 292 5.01 40.92 -30.25
C LEU B 292 4.87 41.51 -31.63
N PRO B 293 4.77 40.64 -32.64
CA PRO B 293 4.57 41.06 -33.99
C PRO B 293 3.21 41.74 -33.98
N THR B 294 3.15 42.84 -34.69
CA THR B 294 1.95 43.70 -34.77
C THR B 294 0.79 42.89 -35.34
N LYS B 295 1.04 42.06 -36.35
CA LYS B 295 -0.08 41.32 -36.96
C LYS B 295 0.07 39.84 -36.68
N LYS B 296 -1.02 39.25 -36.24
CA LYS B 296 -1.05 37.87 -35.77
C LYS B 296 -1.50 36.99 -36.90
N THR B 297 -1.05 35.76 -36.93
CA THR B 297 -1.47 34.85 -37.99
C THR B 297 -2.23 33.73 -37.35
N GLY B 298 -3.43 33.41 -37.78
CA GLY B 298 -4.21 32.27 -37.24
C GLY B 298 -5.11 32.66 -36.10
N LYS B 299 -6.25 32.02 -35.93
CA LYS B 299 -7.10 32.40 -34.79
C LYS B 299 -7.58 31.18 -34.04
N VAL B 300 -7.44 31.16 -32.72
CA VAL B 300 -7.79 29.99 -31.90
C VAL B 300 -8.64 30.36 -30.71
N ILE B 301 -9.74 29.65 -30.52
CA ILE B 301 -10.59 29.66 -29.34
C ILE B 301 -10.10 28.61 -28.35
N ILE B 302 -9.99 29.01 -27.08
CA ILE B 302 -9.67 28.13 -25.95
C ILE B 302 -10.84 28.05 -24.98
N ILE B 303 -11.35 26.84 -24.75
CA ILE B 303 -12.45 26.66 -23.81
C ILE B 303 -11.87 26.40 -22.42
N GLY B 304 -12.09 27.34 -21.51
CA GLY B 304 -11.67 27.29 -20.12
C GLY B 304 -10.43 28.12 -19.84
N SER B 305 -10.50 29.06 -18.88
CA SER B 305 -9.28 29.72 -18.42
C SER B 305 -8.73 29.06 -17.15
N GLY B 306 -8.89 27.74 -17.06
CA GLY B 306 -8.15 26.96 -16.09
C GLY B 306 -6.67 27.10 -16.35
N VAL B 307 -5.85 26.50 -15.50
CA VAL B 307 -4.41 26.71 -15.63
C VAL B 307 -3.92 26.15 -16.95
N SER B 308 -4.43 24.97 -17.36
CA SER B 308 -4.03 24.43 -18.65
C SER B 308 -4.42 25.41 -19.77
N GLY B 309 -5.66 25.90 -19.75
CA GLY B 309 -6.10 26.90 -20.70
C GLY B 309 -5.16 28.09 -20.78
N LEU B 310 -4.98 28.76 -19.65
CA LEU B 310 -4.12 29.95 -19.57
C LEU B 310 -2.74 29.66 -20.16
N ALA B 311 -2.16 28.54 -19.79
CA ALA B 311 -0.78 28.28 -20.19
C ALA B 311 -0.66 28.11 -21.70
N ALA B 312 -1.66 27.50 -22.33
CA ALA B 312 -1.66 27.42 -23.78
C ALA B 312 -1.94 28.77 -24.41
N ALA B 313 -3.00 29.45 -23.97
CA ALA B 313 -3.27 30.82 -24.39
C ALA B 313 -1.99 31.65 -24.39
N ARG B 314 -1.31 31.67 -23.25
CA ARG B 314 -0.04 32.39 -23.13
C ARG B 314 0.94 32.04 -24.25
N GLN B 315 1.19 30.74 -24.43
CA GLN B 315 2.15 30.26 -25.43
C GLN B 315 1.70 30.55 -26.86
N LEU B 316 0.41 30.47 -27.14
CA LEU B 316 -0.05 30.75 -28.50
C LEU B 316 0.09 32.22 -28.85
N GLN B 317 -0.41 33.10 -27.97
CA GLN B 317 -0.10 34.53 -28.11
C GLN B 317 1.40 34.78 -28.17
N SER B 318 2.18 34.11 -27.31
CA SER B 318 3.64 34.21 -27.40
C SER B 318 4.15 33.92 -28.80
N PHE B 319 3.40 33.13 -29.58
CA PHE B 319 3.83 32.68 -30.90
C PHE B 319 3.23 33.51 -32.01
N GLY B 320 2.55 34.60 -31.66
CA GLY B 320 1.88 35.44 -32.63
C GLY B 320 0.62 34.78 -33.18
N MET B 321 -0.32 34.44 -32.32
CA MET B 321 -1.58 33.92 -32.80
C MET B 321 -2.69 34.68 -32.10
N ASP B 322 -3.86 34.66 -32.70
CA ASP B 322 -5.01 35.33 -32.14
C ASP B 322 -5.71 34.35 -31.21
N VAL B 323 -5.69 34.63 -29.91
CA VAL B 323 -6.14 33.67 -28.91
C VAL B 323 -7.20 34.30 -28.01
N THR B 324 -8.37 33.70 -28.00
CA THR B 324 -9.46 34.11 -27.12
C THR B 324 -9.94 32.93 -26.31
N LEU B 325 -9.98 33.11 -25.00
CA LEU B 325 -10.44 32.10 -24.05
C LEU B 325 -11.87 32.37 -23.63
N LEU B 326 -12.67 31.30 -23.53
CA LEU B 326 -14.07 31.35 -23.13
C LEU B 326 -14.21 30.65 -21.79
N GLU B 327 -14.57 31.41 -20.77
CA GLU B 327 -14.68 30.91 -19.40
C GLU B 327 -16.12 30.96 -18.96
N ALA B 328 -16.62 29.85 -18.40
CA ALA B 328 -18.00 29.85 -17.89
C ALA B 328 -18.09 30.63 -16.57
N ARG B 329 -17.02 30.57 -15.77
CA ARG B 329 -16.99 31.21 -14.47
C ARG B 329 -16.79 32.72 -14.62
N ASP B 330 -16.94 33.40 -13.50
CA ASP B 330 -16.69 34.86 -13.50
C ASP B 330 -15.32 35.06 -12.89
N ARG B 331 -14.46 34.07 -12.97
CA ARG B 331 -13.10 34.24 -12.46
C ARG B 331 -12.21 33.25 -13.17
N VAL B 332 -10.92 33.49 -13.23
CA VAL B 332 -10.05 32.51 -13.91
C VAL B 332 -9.55 31.49 -12.89
N GLY B 333 -8.78 30.53 -13.36
CA GLY B 333 -8.08 29.58 -12.48
C GLY B 333 -8.77 28.27 -12.36
N GLY B 334 -10.05 28.23 -12.60
CA GLY B 334 -10.70 26.92 -12.54
C GLY B 334 -10.53 26.25 -11.21
N ARG B 335 -10.09 25.01 -11.24
CA ARG B 335 -9.98 24.28 -9.96
C ARG B 335 -8.87 24.83 -9.11
N VAL B 336 -8.21 25.90 -9.50
CA VAL B 336 -7.27 26.47 -8.52
C VAL B 336 -8.09 27.62 -8.02
N ALA B 337 -8.75 27.47 -6.89
CA ALA B 337 -9.57 28.57 -6.39
C ALA B 337 -9.01 29.02 -5.07
N THR B 338 -9.24 30.26 -4.72
CA THR B 338 -8.72 30.80 -3.47
C THR B 338 -9.78 31.66 -2.81
N PHE B 339 -10.18 31.26 -1.60
CA PHE B 339 -11.10 32.06 -0.80
C PHE B 339 -10.37 33.25 -0.19
N ARG B 340 -10.93 34.45 -0.38
CA ARG B 340 -10.38 35.68 0.18
C ARG B 340 -11.53 36.50 0.76
N LYS B 341 -11.43 36.79 2.05
CA LYS B 341 -12.33 37.72 2.72
C LYS B 341 -11.54 38.29 3.89
N GLY B 342 -11.51 39.62 3.99
CA GLY B 342 -10.63 40.27 4.94
C GLY B 342 -9.19 39.80 4.81
N ASN B 343 -8.60 39.45 5.95
CA ASN B 343 -7.24 38.92 6.03
C ASN B 343 -7.20 37.41 5.87
N TYR B 344 -8.37 36.78 5.73
CA TYR B 344 -8.42 35.34 5.53
C TYR B 344 -8.11 34.98 4.08
N VAL B 345 -7.36 33.90 3.92
CA VAL B 345 -6.95 33.36 2.63
C VAL B 345 -6.88 31.86 2.75
N ALA B 346 -7.55 31.12 1.86
CA ALA B 346 -7.55 29.66 1.93
C ALA B 346 -7.99 29.08 0.59
N ASP B 347 -7.13 28.28 -0.07
CA ASP B 347 -7.53 27.60 -1.30
C ASP B 347 -8.60 26.55 -1.03
N LEU B 348 -9.75 26.73 -1.70
CA LEU B 348 -10.74 25.68 -1.88
C LEU B 348 -10.34 24.65 -2.92
N GLY B 349 -9.29 24.94 -3.67
CA GLY B 349 -8.92 24.02 -4.75
C GLY B 349 -7.58 23.40 -4.54
N ALA B 350 -6.64 23.62 -5.41
CA ALA B 350 -5.33 23.00 -5.16
C ALA B 350 -4.60 23.84 -4.15
N MET B 351 -3.79 23.21 -3.32
CA MET B 351 -3.04 24.03 -2.35
C MET B 351 -1.62 23.54 -2.19
N VAL B 352 -1.18 22.49 -2.86
CA VAL B 352 0.22 22.09 -2.56
C VAL B 352 1.04 22.04 -3.81
N VAL B 353 2.33 22.24 -3.69
CA VAL B 353 3.23 22.14 -4.85
C VAL B 353 4.05 20.92 -4.57
N THR B 354 3.95 19.89 -5.38
CA THR B 354 4.59 18.66 -4.94
C THR B 354 6.09 18.61 -5.14
N GLY B 355 6.85 19.57 -4.68
CA GLY B 355 8.30 19.38 -4.79
C GLY B 355 8.86 20.12 -5.96
N LEU B 356 9.96 20.81 -5.79
CA LEU B 356 10.47 21.59 -6.94
C LEU B 356 11.48 20.79 -7.73
N GLY B 357 11.71 19.53 -7.38
CA GLY B 357 12.74 18.87 -8.19
C GLY B 357 12.16 18.63 -9.55
N GLY B 358 12.62 19.35 -10.55
CA GLY B 358 12.08 19.16 -11.90
C GLY B 358 10.60 19.43 -11.99
N ASN B 359 10.16 20.52 -11.39
CA ASN B 359 8.72 20.81 -11.48
C ASN B 359 8.62 22.16 -12.14
N PRO B 360 7.77 22.37 -13.14
CA PRO B 360 7.67 23.64 -13.76
C PRO B 360 7.24 24.72 -12.78
N MET B 361 6.35 24.44 -11.86
CA MET B 361 5.92 25.49 -10.92
C MET B 361 7.14 26.06 -10.23
N ALA B 362 8.24 25.34 -10.21
CA ALA B 362 9.41 25.98 -9.62
C ALA B 362 9.79 27.21 -10.42
N VAL B 363 9.75 27.13 -11.76
CA VAL B 363 10.01 28.30 -12.59
C VAL B 363 8.94 29.36 -12.37
N VAL B 364 7.68 28.96 -12.37
CA VAL B 364 6.58 29.90 -12.23
C VAL B 364 6.66 30.64 -10.90
N SER B 365 7.20 29.98 -9.86
CA SER B 365 7.28 30.62 -8.55
C SER B 365 8.36 31.68 -8.50
N LYS B 366 9.53 31.32 -8.99
CA LYS B 366 10.59 32.34 -9.09
C LYS B 366 9.99 33.46 -9.92
N GLN B 367 9.22 33.05 -10.89
CA GLN B 367 8.53 33.78 -11.95
C GLN B 367 7.54 34.78 -11.38
N VAL B 368 6.77 34.40 -10.40
CA VAL B 368 5.84 35.39 -9.82
C VAL B 368 5.85 35.08 -8.35
N ASN B 369 6.08 36.05 -7.48
CA ASN B 369 6.19 35.84 -6.02
C ASN B 369 5.13 34.89 -5.49
N MET B 370 5.55 33.79 -4.91
CA MET B 370 4.54 32.91 -4.29
C MET B 370 5.09 32.68 -2.89
N GLU B 371 4.29 32.87 -1.87
CA GLU B 371 4.88 32.60 -0.56
C GLU B 371 4.90 31.09 -0.44
N LEU B 372 6.00 30.45 -0.81
CA LEU B 372 6.04 29.00 -0.65
C LEU B 372 6.66 28.59 0.69
N ALA B 373 5.85 27.90 1.51
CA ALA B 373 6.28 27.39 2.81
C ALA B 373 6.22 25.86 2.83
N LYS B 374 7.25 25.22 3.42
CA LYS B 374 7.27 23.77 3.48
C LYS B 374 6.17 23.23 4.40
N ILE B 375 5.87 21.95 4.23
CA ILE B 375 4.84 21.26 5.00
C ILE B 375 5.52 20.23 5.88
N LYS B 376 5.54 20.51 7.18
CA LYS B 376 6.17 19.60 8.13
C LYS B 376 5.37 18.30 8.21
N GLN B 377 6.07 17.19 7.96
CA GLN B 377 5.49 15.88 7.67
C GLN B 377 4.68 15.30 8.84
N LYS B 378 4.81 15.85 10.07
CA LYS B 378 4.31 15.20 11.28
C LYS B 378 2.81 15.36 11.42
N CYS B 379 2.10 14.24 11.51
CA CYS B 379 0.64 14.23 11.62
C CYS B 379 0.19 13.35 12.77
N PRO B 380 -0.16 13.94 13.91
CA PRO B 380 -0.75 13.17 15.01
C PRO B 380 -2.17 12.71 14.72
N LEU B 381 -2.48 11.47 15.09
CA LEU B 381 -3.85 10.98 14.97
C LEU B 381 -4.59 11.12 16.29
N TYR B 382 -5.92 11.14 16.23
CA TYR B 382 -6.74 11.41 17.40
C TYR B 382 -8.02 10.60 17.22
N GLU B 383 -8.17 9.50 17.97
CA GLU B 383 -9.35 8.65 17.84
C GLU B 383 -10.64 9.42 18.14
N ALA B 384 -11.75 8.74 17.92
CA ALA B 384 -13.08 9.34 18.04
C ALA B 384 -13.23 9.93 19.43
N ASN B 385 -12.56 9.31 20.39
CA ASN B 385 -12.71 9.81 21.77
C ASN B 385 -12.14 11.22 21.86
N GLY B 386 -11.05 11.50 21.17
CA GLY B 386 -10.45 12.83 21.27
C GLY B 386 -9.10 12.76 21.93
N GLN B 387 -8.48 11.60 21.92
CA GLN B 387 -7.14 11.53 22.53
C GLN B 387 -6.18 10.92 21.53
N ALA B 388 -4.93 11.34 21.62
CA ALA B 388 -3.86 10.94 20.70
C ALA B 388 -3.70 9.45 20.63
N VAL B 389 -3.44 8.96 19.44
CA VAL B 389 -3.11 7.53 19.40
C VAL B 389 -1.72 7.51 20.01
N PRO B 390 -1.41 6.58 20.91
CA PRO B 390 -0.10 6.52 21.50
C PRO B 390 0.89 6.19 20.40
N LYS B 391 2.11 6.67 20.53
CA LYS B 391 3.11 6.49 19.46
C LYS B 391 3.34 5.03 19.12
N GLU B 392 3.32 4.11 20.07
CA GLU B 392 3.62 2.72 19.68
C GLU B 392 2.59 2.23 18.69
N LYS B 393 1.31 2.48 18.95
CA LYS B 393 0.28 1.97 18.02
C LYS B 393 0.41 2.68 16.68
N ASP B 394 0.67 3.97 16.76
CA ASP B 394 0.73 4.82 15.56
C ASP B 394 1.77 4.29 14.58
N GLU B 395 2.92 3.81 15.03
CA GLU B 395 3.85 3.31 14.00
C GLU B 395 3.50 1.89 13.60
N MET B 396 2.93 1.08 14.48
CA MET B 396 2.69 -0.31 14.10
C MET B 396 1.43 -0.49 13.29
N VAL B 397 0.63 0.57 13.11
CA VAL B 397 -0.52 0.53 12.21
C VAL B 397 -0.06 1.02 10.85
N GLU B 398 0.49 2.23 10.82
CA GLU B 398 1.17 2.72 9.62
C GLU B 398 2.03 1.66 8.95
N GLN B 399 2.93 1.01 9.69
CA GLN B 399 3.77 0.01 9.04
C GLN B 399 2.93 -1.11 8.45
N GLU B 400 1.84 -1.46 9.13
CA GLU B 400 1.02 -2.53 8.57
C GLU B 400 0.31 -2.03 7.33
N PHE B 401 -0.14 -0.78 7.35
CA PHE B 401 -0.69 -0.13 6.17
C PHE B 401 0.29 -0.22 5.00
N ASN B 402 1.48 0.35 5.18
CA ASN B 402 2.45 0.35 4.09
C ASN B 402 2.77 -1.08 3.66
N ARG B 403 2.73 -2.01 4.61
CA ARG B 403 3.01 -3.41 4.31
C ARG B 403 1.87 -4.01 3.48
N LEU B 404 0.63 -3.65 3.82
CA LEU B 404 -0.53 -4.14 3.06
C LEU B 404 -0.49 -3.61 1.63
N LEU B 405 -0.17 -2.33 1.47
CA LEU B 405 -0.03 -1.76 0.13
C LEU B 405 0.89 -2.61 -0.72
N GLU B 406 2.16 -2.79 -0.29
CA GLU B 406 3.09 -3.64 -1.04
C GLU B 406 2.47 -4.99 -1.34
N ALA B 407 1.73 -5.56 -0.37
CA ALA B 407 1.09 -6.85 -0.56
C ALA B 407 0.21 -6.86 -1.81
N THR B 408 -0.62 -5.83 -1.99
CA THR B 408 -1.44 -5.72 -3.20
C THR B 408 -0.57 -5.67 -4.45
N SER B 409 0.52 -4.90 -4.40
CA SER B 409 1.38 -4.78 -5.56
C SER B 409 1.96 -6.14 -5.93
N TYR B 410 2.23 -6.96 -4.92
CA TYR B 410 2.68 -8.33 -5.17
C TYR B 410 1.54 -9.17 -5.77
N LEU B 411 0.32 -9.09 -5.19
CA LEU B 411 -0.84 -9.73 -5.84
C LEU B 411 -0.98 -9.34 -7.29
N SER B 412 -0.70 -8.08 -7.61
CA SER B 412 -0.91 -7.61 -8.96
C SER B 412 0.19 -8.12 -9.89
N HIS B 413 1.46 -7.86 -9.56
CA HIS B 413 2.54 -8.10 -10.53
C HIS B 413 3.08 -9.52 -10.48
N GLN B 414 3.07 -10.17 -9.32
CA GLN B 414 3.67 -11.49 -9.20
C GLN B 414 2.67 -12.64 -9.23
N LEU B 415 1.41 -12.42 -8.84
CA LEU B 415 0.39 -13.46 -8.94
C LEU B 415 -0.65 -13.19 -10.02
N ASP B 416 -0.55 -12.04 -10.71
CA ASP B 416 -1.47 -11.63 -11.80
C ASP B 416 -2.94 -11.71 -11.38
N PHE B 417 -3.23 -11.26 -10.16
CA PHE B 417 -4.59 -11.21 -9.62
C PHE B 417 -5.24 -9.93 -10.12
N ASN B 418 -5.33 -9.80 -11.43
CA ASN B 418 -5.81 -8.50 -11.94
C ASN B 418 -7.19 -8.59 -12.54
N VAL B 419 -7.75 -9.76 -12.71
CA VAL B 419 -9.14 -9.79 -13.24
C VAL B 419 -9.91 -10.79 -12.43
N LEU B 420 -11.14 -10.50 -12.03
CA LEU B 420 -11.87 -11.50 -11.23
C LEU B 420 -13.33 -11.52 -11.64
N ASN B 421 -13.89 -12.67 -11.99
CA ASN B 421 -15.31 -12.76 -12.44
C ASN B 421 -15.53 -11.76 -13.57
N ASN B 422 -14.66 -11.75 -14.58
CA ASN B 422 -14.74 -10.85 -15.76
C ASN B 422 -14.33 -9.40 -15.46
N LYS B 423 -14.82 -8.78 -14.40
CA LYS B 423 -14.45 -7.40 -14.07
C LYS B 423 -13.01 -7.32 -13.62
N PRO B 424 -12.32 -6.22 -13.84
CA PRO B 424 -10.98 -6.06 -13.40
C PRO B 424 -11.01 -5.79 -11.90
N VAL B 425 -9.95 -6.13 -11.22
CA VAL B 425 -9.89 -6.03 -9.75
C VAL B 425 -9.53 -4.62 -9.37
N SER B 426 -10.09 -4.13 -8.29
CA SER B 426 -9.72 -2.80 -7.82
C SER B 426 -8.67 -2.87 -6.70
N LEU B 427 -8.10 -1.73 -6.35
CA LEU B 427 -7.20 -1.69 -5.20
C LEU B 427 -7.93 -2.08 -3.92
N GLY B 428 -9.12 -1.51 -3.71
CA GLY B 428 -9.90 -1.87 -2.53
C GLY B 428 -10.17 -3.36 -2.40
N GLN B 429 -10.60 -4.00 -3.50
CA GLN B 429 -10.74 -5.45 -3.52
C GLN B 429 -9.47 -6.14 -3.05
N ALA B 430 -8.34 -5.81 -3.67
CA ALA B 430 -7.07 -6.46 -3.36
C ALA B 430 -6.68 -6.23 -1.91
N LEU B 431 -6.95 -5.04 -1.36
CA LEU B 431 -6.67 -4.83 0.06
C LEU B 431 -7.48 -5.77 0.94
N GLU B 432 -8.75 -5.99 0.59
CA GLU B 432 -9.56 -6.90 1.39
C GLU B 432 -9.04 -8.33 1.28
N VAL B 433 -8.76 -8.78 0.06
CA VAL B 433 -8.19 -10.11 -0.11
C VAL B 433 -6.88 -10.28 0.65
N VAL B 434 -6.10 -9.21 0.81
CA VAL B 434 -4.90 -9.32 1.63
C VAL B 434 -5.24 -9.32 3.12
N ILE B 435 -6.10 -8.40 3.57
CA ILE B 435 -6.47 -8.43 4.99
C ILE B 435 -7.13 -9.76 5.34
N GLN B 436 -7.95 -10.32 4.44
CA GLN B 436 -8.52 -11.62 4.75
C GLN B 436 -7.44 -12.68 4.91
N LEU B 437 -6.56 -12.81 3.91
CA LEU B 437 -5.47 -13.78 3.98
C LEU B 437 -4.51 -13.53 5.12
N GLN B 438 -4.49 -12.33 5.70
CA GLN B 438 -3.72 -12.20 6.93
C GLN B 438 -4.56 -12.67 8.11
N GLU B 439 -5.86 -12.36 8.14
CA GLU B 439 -6.70 -12.95 9.19
C GLU B 439 -6.81 -14.46 9.07
N LYS B 440 -6.74 -15.00 7.84
CA LYS B 440 -6.63 -16.43 7.67
C LYS B 440 -5.39 -16.94 8.35
N HIS B 441 -4.23 -16.38 8.02
CA HIS B 441 -2.99 -16.88 8.59
C HIS B 441 -2.98 -16.83 10.12
N VAL B 442 -3.53 -15.76 10.72
CA VAL B 442 -3.61 -15.71 12.18
C VAL B 442 -4.32 -16.93 12.76
N LYS B 443 -5.29 -17.49 12.03
CA LYS B 443 -6.02 -18.65 12.52
C LYS B 443 -5.27 -19.95 12.26
N ASP B 444 -4.80 -20.17 11.03
CA ASP B 444 -3.98 -21.36 10.77
C ASP B 444 -2.83 -21.45 11.77
N GLU B 445 -2.42 -20.31 12.32
CA GLU B 445 -1.27 -20.24 13.22
C GLU B 445 -1.66 -20.69 14.62
N GLN B 446 -2.81 -20.21 15.11
CA GLN B 446 -3.34 -20.70 16.38
C GLN B 446 -3.70 -22.18 16.30
N ILE B 447 -4.38 -22.60 15.23
CA ILE B 447 -4.69 -24.01 15.09
C ILE B 447 -3.43 -24.87 15.18
N GLU B 448 -2.43 -24.58 14.35
CA GLU B 448 -1.35 -25.56 14.39
C GLU B 448 -0.48 -25.42 15.65
N HIS B 449 -0.67 -24.37 16.45
CA HIS B 449 -0.03 -24.29 17.75
C HIS B 449 -0.77 -25.14 18.78
N TRP B 450 -2.03 -24.79 19.06
CA TRP B 450 -2.84 -25.63 19.95
C TRP B 450 -2.82 -27.09 19.54
N LYS B 451 -2.65 -27.36 18.24
CA LYS B 451 -2.60 -28.73 17.78
C LYS B 451 -1.25 -29.39 18.12
N LYS B 452 -0.23 -28.60 18.49
CA LYS B 452 0.95 -29.16 19.16
C LYS B 452 0.67 -29.46 20.62
N ILE B 453 -0.22 -28.71 21.25
CA ILE B 453 -0.57 -29.04 22.61
C ILE B 453 -1.30 -30.37 22.71
N VAL B 454 -2.39 -30.56 21.94
CA VAL B 454 -3.04 -31.88 21.95
C VAL B 454 -2.06 -33.00 21.60
N LYS B 455 -1.14 -32.75 20.67
CA LYS B 455 -0.26 -33.83 20.26
C LYS B 455 0.74 -34.19 21.37
N THR B 456 0.93 -33.30 22.36
CA THR B 456 1.74 -33.58 23.53
C THR B 456 0.91 -33.97 24.75
N GLN B 457 -0.13 -33.21 25.10
CA GLN B 457 -1.13 -33.69 26.07
C GLN B 457 -1.48 -35.15 25.87
N GLU B 458 -1.50 -35.60 24.64
CA GLU B 458 -1.92 -36.96 24.37
C GLU B 458 -0.77 -37.94 24.35
N GLU B 459 0.48 -37.48 24.18
CA GLU B 459 1.62 -38.30 24.56
C GLU B 459 1.65 -38.53 26.06
N LEU B 460 1.28 -37.50 26.82
CA LEU B 460 1.19 -37.61 28.27
C LEU B 460 0.08 -38.57 28.68
N LYS B 461 -1.06 -38.55 27.99
CA LYS B 461 -2.14 -39.49 28.28
C LYS B 461 -1.65 -40.92 28.19
N GLU B 462 -0.95 -41.27 27.12
CA GLU B 462 -0.41 -42.62 27.03
C GLU B 462 0.70 -42.86 28.03
N LEU B 463 1.44 -41.81 28.41
CA LEU B 463 2.52 -42.05 29.35
C LEU B 463 1.97 -42.29 30.75
N LEU B 464 0.92 -41.56 31.13
CA LEU B 464 0.32 -41.78 32.43
C LEU B 464 -0.38 -43.14 32.50
N ASN B 465 -0.84 -43.68 31.36
CA ASN B 465 -1.49 -44.98 31.42
C ASN B 465 -0.50 -46.12 31.65
N LYS B 466 0.69 -46.07 31.03
CA LYS B 466 1.71 -47.02 31.47
C LYS B 466 2.01 -46.84 32.94
N MET B 467 2.06 -45.60 33.40
CA MET B 467 2.53 -45.36 34.76
C MET B 467 1.49 -45.75 35.79
N VAL B 468 0.21 -45.69 35.45
CA VAL B 468 -0.77 -46.09 36.45
C VAL B 468 -0.94 -47.61 36.43
N ASN B 469 -0.69 -48.27 35.29
CA ASN B 469 -0.70 -49.72 35.21
C ASN B 469 0.58 -50.34 35.70
N LEU B 470 1.62 -49.54 35.90
CA LEU B 470 2.87 -50.08 36.39
C LEU B 470 2.93 -49.93 37.89
N LYS B 471 2.49 -48.79 38.43
CA LYS B 471 2.27 -48.72 39.86
C LYS B 471 1.31 -49.81 40.32
N GLU B 472 0.53 -50.40 39.43
CA GLU B 472 -0.30 -51.49 39.90
C GLU B 472 0.46 -52.80 39.94
N LYS B 473 1.27 -53.10 38.91
CA LYS B 473 2.11 -54.28 38.98
C LYS B 473 3.09 -54.18 40.14
N ILE B 474 3.63 -52.98 40.39
CA ILE B 474 4.54 -52.84 41.51
C ILE B 474 3.83 -53.05 42.83
N LYS B 475 2.59 -52.56 42.94
CA LYS B 475 1.81 -52.79 44.15
C LYS B 475 1.65 -54.28 44.43
N GLU B 476 1.46 -55.08 43.38
CA GLU B 476 1.24 -56.51 43.51
C GLU B 476 2.53 -57.27 43.83
N LEU B 477 3.60 -57.12 43.02
CA LEU B 477 4.83 -57.83 43.36
C LEU B 477 5.30 -57.52 44.77
N HIS B 478 5.28 -56.25 45.16
CA HIS B 478 5.71 -55.94 46.51
C HIS B 478 5.00 -56.81 47.54
N GLN B 479 3.66 -56.83 47.48
CA GLN B 479 2.87 -57.79 48.28
C GLN B 479 3.43 -59.20 48.18
N GLN B 480 3.67 -59.68 46.96
CA GLN B 480 4.25 -61.01 46.78
C GLN B 480 5.61 -61.13 47.46
N TYR B 481 6.53 -60.19 47.20
CA TYR B 481 7.83 -60.26 47.83
C TYR B 481 7.71 -60.18 49.34
N LYS B 482 6.77 -59.40 49.85
CA LYS B 482 6.56 -59.40 51.29
C LYS B 482 6.15 -60.79 51.78
N GLU B 483 5.11 -61.36 51.17
CA GLU B 483 4.66 -62.70 51.53
C GLU B 483 5.78 -63.73 51.43
N ALA B 484 6.69 -63.57 50.45
CA ALA B 484 7.79 -64.51 50.30
C ALA B 484 8.88 -64.33 51.35
N SER B 485 9.07 -63.12 51.82
CA SER B 485 10.15 -62.98 52.82
C SER B 485 9.55 -63.14 54.20
N GLU B 486 8.26 -63.44 54.28
CA GLU B 486 7.65 -63.63 55.60
C GLU B 486 7.69 -65.12 55.93
N VAL B 487 8.14 -65.96 55.02
CA VAL B 487 8.31 -67.39 55.32
C VAL B 487 9.64 -67.39 56.02
N LYS B 488 9.66 -67.35 57.32
CA LYS B 488 10.94 -67.23 58.04
C LYS B 488 11.89 -68.37 57.69
N PRO B 489 13.19 -68.13 57.75
CA PRO B 489 14.16 -69.10 57.42
C PRO B 489 14.32 -70.05 58.59
N PRO B 490 14.85 -71.27 58.42
CA PRO B 490 15.68 -71.64 57.30
C PRO B 490 14.76 -72.19 56.21
N ARG B 491 15.14 -72.01 54.96
CA ARG B 491 14.18 -72.46 53.94
C ARG B 491 14.89 -73.25 52.89
N ASP B 492 14.11 -73.91 52.05
CA ASP B 492 14.74 -74.66 50.99
C ASP B 492 15.02 -73.71 49.84
N ILE B 493 15.80 -74.18 48.87
CA ILE B 493 16.39 -73.18 47.98
C ILE B 493 15.35 -72.60 47.03
N THR B 494 14.30 -73.35 46.67
CA THR B 494 13.26 -72.76 45.83
C THR B 494 12.58 -71.60 46.53
N ALA B 495 12.18 -71.80 47.79
CA ALA B 495 11.61 -70.73 48.59
C ALA B 495 12.56 -69.56 48.80
N GLU B 496 13.87 -69.79 48.67
CA GLU B 496 14.84 -68.72 48.81
C GLU B 496 15.00 -67.99 47.48
N PHE B 497 14.91 -68.77 46.43
CA PHE B 497 15.00 -68.20 45.09
C PHE B 497 13.82 -67.28 44.90
N LEU B 498 12.69 -67.66 45.46
CA LEU B 498 11.48 -66.83 45.24
C LEU B 498 11.69 -65.46 45.84
N VAL B 499 12.27 -65.39 47.01
CA VAL B 499 12.45 -64.03 47.56
C VAL B 499 13.41 -63.29 46.66
N LYS B 500 14.49 -63.92 46.27
CA LYS B 500 15.44 -63.13 45.45
C LYS B 500 14.82 -62.80 44.11
N SER B 501 14.17 -63.75 43.46
CA SER B 501 13.65 -63.46 42.12
C SER B 501 12.63 -62.36 42.19
N LYS B 502 11.74 -62.42 43.17
CA LYS B 502 10.73 -61.36 43.30
C LYS B 502 11.46 -60.05 43.56
N HIS B 503 12.48 -60.04 44.39
CA HIS B 503 13.20 -58.79 44.65
C HIS B 503 13.79 -58.24 43.37
N ARG B 504 14.30 -59.11 42.52
CA ARG B 504 14.89 -58.58 41.28
C ARG B 504 13.77 -57.93 40.49
N ASP B 505 12.70 -58.67 40.26
CA ASP B 505 11.55 -58.17 39.50
C ASP B 505 11.09 -56.83 40.00
N LEU B 506 10.87 -56.70 41.30
CA LEU B 506 10.40 -55.40 41.78
C LEU B 506 11.45 -54.36 41.47
N THR B 507 12.71 -54.75 41.55
CA THR B 507 13.69 -53.73 41.19
C THR B 507 13.63 -53.40 39.70
N ALA B 508 13.37 -54.40 38.86
CA ALA B 508 13.20 -54.15 37.42
C ALA B 508 12.04 -53.19 37.17
N LEU B 509 10.84 -53.51 37.67
CA LEU B 509 9.72 -52.62 37.45
C LEU B 509 9.88 -51.30 38.18
N CYS B 510 10.76 -51.20 39.15
CA CYS B 510 10.96 -49.90 39.76
C CYS B 510 11.88 -49.04 38.91
N LYS B 511 12.81 -49.65 38.18
CA LYS B 511 13.60 -48.92 37.20
C LYS B 511 12.70 -48.35 36.10
N GLU B 512 11.85 -49.19 35.50
CA GLU B 512 10.89 -48.73 34.50
C GLU B 512 10.09 -47.51 34.97
N TYR B 513 9.39 -47.63 36.11
CA TYR B 513 8.56 -46.54 36.62
C TYR B 513 9.37 -45.30 36.94
N ASP B 514 10.66 -45.43 37.21
CA ASP B 514 11.43 -44.22 37.43
C ASP B 514 11.80 -43.54 36.11
N GLU B 515 12.17 -44.35 35.09
CA GLU B 515 12.43 -43.83 33.76
C GLU B 515 11.21 -43.17 33.14
N LEU B 516 10.00 -43.60 33.54
CA LEU B 516 8.81 -43.00 32.97
C LEU B 516 8.39 -41.72 33.68
N ALA B 517 8.71 -41.54 34.96
CA ALA B 517 8.47 -40.23 35.56
C ALA B 517 9.61 -39.25 35.31
N GLU B 518 10.75 -39.76 34.79
CA GLU B 518 11.70 -38.94 34.06
C GLU B 518 11.06 -38.37 32.79
N THR B 519 10.64 -39.26 31.88
CA THR B 519 9.94 -38.83 30.66
C THR B 519 8.71 -37.98 30.97
N GLN B 520 7.99 -38.28 32.06
CA GLN B 520 6.86 -37.44 32.44
C GLN B 520 7.27 -36.02 32.75
N GLY B 521 8.51 -35.82 33.21
CA GLY B 521 8.95 -34.47 33.52
C GLY B 521 9.21 -33.66 32.27
N LYS B 522 9.81 -34.28 31.27
CA LYS B 522 10.10 -33.55 30.03
C LYS B 522 8.79 -33.07 29.42
N LEU B 523 7.87 -33.99 29.21
CA LEU B 523 6.59 -33.61 28.57
C LEU B 523 5.86 -32.60 29.43
N GLU B 524 5.89 -32.72 30.75
CA GLU B 524 5.21 -31.70 31.57
C GLU B 524 5.85 -30.33 31.31
N GLU B 525 7.16 -30.26 31.17
CA GLU B 525 7.82 -28.95 30.89
C GLU B 525 7.43 -28.46 29.50
N LYS B 526 7.35 -29.34 28.52
CA LYS B 526 7.03 -28.88 27.15
C LYS B 526 5.67 -28.22 27.14
N LEU B 527 4.69 -28.78 27.83
CA LEU B 527 3.35 -28.16 27.84
C LEU B 527 3.41 -26.76 28.42
N GLN B 528 4.20 -26.50 29.45
CA GLN B 528 4.22 -25.09 29.92
C GLN B 528 4.82 -24.20 28.83
N GLU B 529 5.86 -24.67 28.16
CA GLU B 529 6.42 -23.87 27.06
C GLU B 529 5.33 -23.55 26.04
N LEU B 530 4.66 -24.56 25.46
CA LEU B 530 3.72 -24.14 24.43
C LEU B 530 2.59 -23.31 25.02
N GLU B 531 2.03 -23.72 26.15
CA GLU B 531 0.95 -22.86 26.70
C GLU B 531 1.45 -21.48 27.18
N ALA B 532 2.72 -21.12 27.02
CA ALA B 532 3.19 -19.80 27.43
C ALA B 532 3.86 -18.99 26.33
N ASN B 533 4.16 -19.58 25.16
CA ASN B 533 4.47 -18.77 23.99
C ASN B 533 3.35 -18.92 22.93
N PRO B 534 2.14 -18.40 23.18
CA PRO B 534 1.06 -18.55 22.22
C PRO B 534 1.26 -17.59 21.06
N PRO B 535 0.86 -17.96 19.85
CA PRO B 535 0.91 -16.99 18.76
C PRO B 535 -0.15 -15.90 18.97
N SER B 536 -0.23 -14.96 18.02
CA SER B 536 -0.96 -13.72 18.22
C SER B 536 -2.46 -13.98 18.24
N ASP B 537 -3.14 -13.27 19.14
CA ASP B 537 -4.56 -13.49 19.37
C ASP B 537 -5.41 -13.06 18.16
N VAL B 538 -5.15 -11.86 17.62
CA VAL B 538 -5.90 -11.25 16.53
C VAL B 538 -4.93 -10.84 15.43
N TYR B 539 -5.49 -10.51 14.25
CA TYR B 539 -4.73 -9.78 13.24
C TYR B 539 -4.77 -8.28 13.50
N LEU B 540 -5.96 -7.72 13.67
CA LEU B 540 -6.10 -6.33 14.05
C LEU B 540 -7.33 -6.17 14.92
N SER B 541 -7.20 -5.34 15.94
CA SER B 541 -8.42 -5.11 16.74
C SER B 541 -9.14 -3.93 16.16
N SER B 542 -10.31 -3.67 16.70
CA SER B 542 -11.12 -2.55 16.20
C SER B 542 -10.38 -1.24 16.40
N ARG B 543 -9.64 -1.11 17.48
CA ARG B 543 -8.93 0.16 17.60
C ARG B 543 -7.89 0.16 16.51
N ASP B 544 -7.17 -0.93 16.33
CA ASP B 544 -6.15 -0.88 15.28
C ASP B 544 -6.82 -0.73 13.93
N ARG B 545 -7.85 -1.50 13.65
CA ARG B 545 -8.46 -1.42 12.32
C ARG B 545 -9.07 -0.06 12.09
N GLN B 546 -9.65 0.55 13.10
CA GLN B 546 -10.18 1.90 12.88
C GLN B 546 -9.02 2.81 12.56
N ILE B 547 -7.89 2.69 13.24
CA ILE B 547 -6.79 3.60 12.88
C ILE B 547 -6.37 3.34 11.46
N LEU B 548 -6.25 2.09 11.07
CA LEU B 548 -5.82 1.77 9.70
C LEU B 548 -6.78 2.42 8.75
N ASP B 549 -8.06 2.37 9.06
CA ASP B 549 -9.03 2.98 8.15
C ASP B 549 -8.68 4.42 7.87
N TRP B 550 -8.04 5.12 8.80
CA TRP B 550 -7.65 6.49 8.54
C TRP B 550 -6.52 6.55 7.51
N HIS B 551 -5.60 5.60 7.56
CA HIS B 551 -4.57 5.53 6.53
C HIS B 551 -5.18 5.25 5.16
N PHE B 552 -6.31 4.55 5.11
CA PHE B 552 -7.02 4.40 3.84
C PHE B 552 -7.72 5.68 3.43
N ALA B 553 -8.26 6.44 4.39
CA ALA B 553 -8.83 7.73 4.08
C ALA B 553 -7.80 8.63 3.43
N ASN B 554 -6.57 8.65 3.96
CA ASN B 554 -5.54 9.43 3.29
C ASN B 554 -5.35 8.98 1.85
N LEU B 555 -5.37 7.68 1.59
CA LEU B 555 -5.12 7.23 0.22
C LEU B 555 -6.31 7.56 -0.68
N GLU B 556 -7.53 7.54 -0.14
CA GLU B 556 -8.67 8.03 -0.89
C GLU B 556 -8.57 9.54 -1.11
N PHE B 557 -7.91 10.25 -0.20
CA PHE B 557 -7.64 11.67 -0.40
C PHE B 557 -6.65 11.90 -1.55
N ALA B 558 -5.52 11.19 -1.54
CA ALA B 558 -4.54 11.36 -2.60
C ALA B 558 -5.15 11.16 -3.98
N ASN B 559 -6.00 10.14 -4.12
CA ASN B 559 -6.52 9.75 -5.40
C ASN B 559 -7.93 10.24 -5.63
N ALA B 560 -8.50 10.98 -4.68
CA ALA B 560 -9.85 11.56 -4.78
C ALA B 560 -10.90 10.53 -5.20
N THR B 561 -10.91 9.36 -4.54
CA THR B 561 -11.90 8.35 -4.89
C THR B 561 -11.91 7.20 -3.88
N PRO B 562 -13.05 6.57 -3.65
CA PRO B 562 -13.07 5.29 -2.93
C PRO B 562 -12.07 4.30 -3.51
N LEU B 563 -11.22 3.74 -2.63
CA LEU B 563 -10.24 2.78 -3.09
C LEU B 563 -10.86 1.63 -3.89
N SER B 564 -12.19 1.49 -3.85
CA SER B 564 -12.86 0.41 -4.55
C SER B 564 -12.92 0.65 -6.04
N THR B 565 -12.55 1.85 -6.48
CA THR B 565 -12.64 2.27 -7.87
C THR B 565 -11.28 2.44 -8.53
N LEU B 566 -10.21 2.67 -7.74
CA LEU B 566 -8.85 2.70 -8.29
C LEU B 566 -8.51 1.37 -8.96
N SER B 567 -7.91 1.45 -10.14
CA SER B 567 -7.36 0.27 -10.81
C SER B 567 -6.26 -0.34 -9.97
N LEU B 568 -6.34 -1.65 -9.72
CA LEU B 568 -5.23 -2.29 -9.02
C LEU B 568 -3.95 -2.22 -9.86
N LYS B 569 -4.01 -2.65 -11.13
CA LYS B 569 -2.77 -2.64 -11.90
C LYS B 569 -2.18 -1.25 -12.08
N HIS B 570 -3.01 -0.18 -12.16
CA HIS B 570 -2.51 1.07 -12.72
C HIS B 570 -2.66 2.30 -11.83
N TRP B 571 -3.26 2.20 -10.65
CA TRP B 571 -3.52 3.38 -9.86
C TRP B 571 -2.27 4.20 -9.56
N ASP B 572 -1.10 3.56 -9.51
CA ASP B 572 0.13 4.25 -9.16
C ASP B 572 1.11 4.32 -10.34
N GLN B 573 0.61 4.27 -11.58
CA GLN B 573 1.51 4.31 -12.74
C GLN B 573 2.24 5.65 -12.90
N ASP B 574 1.72 6.74 -12.34
CA ASP B 574 2.42 8.01 -12.38
C ASP B 574 3.49 8.14 -11.29
N ASP B 575 3.72 7.08 -10.48
CA ASP B 575 4.56 7.19 -9.29
C ASP B 575 6.03 7.28 -9.63
N ASP B 576 6.40 6.91 -10.85
CA ASP B 576 7.80 7.01 -11.27
C ASP B 576 8.23 8.43 -11.53
N PHE B 577 7.28 9.32 -11.80
CA PHE B 577 7.62 10.65 -12.27
C PHE B 577 7.51 11.66 -11.16
N GLU B 578 7.50 11.18 -9.91
CA GLU B 578 7.44 12.02 -8.72
C GLU B 578 8.55 13.06 -8.76
N PHE B 579 8.23 14.27 -8.32
CA PHE B 579 9.31 15.24 -8.16
C PHE B 579 10.10 14.92 -6.89
N THR B 580 11.20 15.64 -6.69
CA THR B 580 12.01 15.51 -5.49
C THR B 580 11.93 16.81 -4.70
N GLY B 581 11.87 16.70 -3.37
CA GLY B 581 11.81 17.85 -2.52
C GLY B 581 10.57 17.86 -1.64
N SER B 582 10.59 18.78 -0.67
CA SER B 582 9.48 18.93 0.26
C SER B 582 8.23 19.38 -0.48
N HIS B 583 7.08 18.94 -0.02
CA HIS B 583 5.85 19.55 -0.52
C HIS B 583 5.63 20.91 0.13
N LEU B 584 4.98 21.80 -0.59
CA LEU B 584 4.85 23.19 -0.14
C LEU B 584 3.40 23.61 -0.17
N THR B 585 3.09 24.71 0.51
CA THR B 585 1.81 25.37 0.31
C THR B 585 2.06 26.78 -0.15
N VAL B 586 0.98 27.44 -0.52
CA VAL B 586 1.02 28.80 -1.01
C VAL B 586 0.28 29.65 0.02
N ARG B 587 1.03 30.45 0.76
CA ARG B 587 0.44 31.12 1.91
C ARG B 587 -0.34 32.37 1.52
N ASN B 588 -0.05 32.98 0.37
CA ASN B 588 -0.88 34.06 -0.14
C ASN B 588 -1.99 33.56 -1.06
N GLY B 589 -2.19 32.26 -1.11
CA GLY B 589 -3.30 31.77 -1.96
C GLY B 589 -2.78 31.31 -3.29
N TYR B 590 -3.35 30.26 -3.85
CA TYR B 590 -2.78 29.80 -5.14
C TYR B 590 -3.38 30.59 -6.28
N SER B 591 -4.46 31.31 -6.05
CA SER B 591 -5.08 32.08 -7.13
C SER B 591 -4.04 33.02 -7.70
N CYS B 592 -2.99 33.29 -6.96
CA CYS B 592 -2.08 34.30 -7.46
C CYS B 592 -1.47 33.89 -8.79
N VAL B 593 -1.36 32.58 -9.05
CA VAL B 593 -0.72 32.04 -10.25
C VAL B 593 -1.63 32.13 -11.48
N PRO B 594 -2.87 31.66 -11.45
CA PRO B 594 -3.72 31.88 -12.63
C PRO B 594 -3.88 33.34 -12.94
N VAL B 595 -4.22 34.14 -11.94
CA VAL B 595 -4.38 35.58 -12.18
C VAL B 595 -3.15 36.13 -12.87
N ALA B 596 -1.98 35.79 -12.36
CA ALA B 596 -0.72 36.20 -13.01
C ALA B 596 -0.70 35.81 -14.47
N LEU B 597 -1.10 34.57 -14.77
CA LEU B 597 -1.04 34.07 -16.13
C LEU B 597 -2.04 34.78 -17.04
N ALA B 598 -3.22 35.09 -16.52
CA ALA B 598 -4.25 35.74 -17.29
C ALA B 598 -3.89 37.17 -17.73
N GLU B 599 -2.72 37.69 -17.34
CA GLU B 599 -2.35 39.06 -17.69
C GLU B 599 -2.01 39.15 -19.16
N GLY B 600 -2.80 39.91 -19.89
CA GLY B 600 -2.56 40.13 -21.29
C GLY B 600 -3.37 39.28 -22.23
N LEU B 601 -4.33 38.53 -21.73
CA LEU B 601 -5.01 37.56 -22.57
C LEU B 601 -6.47 37.98 -22.76
N ASP B 602 -7.01 37.62 -23.92
CA ASP B 602 -8.40 37.96 -24.21
C ASP B 602 -9.33 36.93 -23.57
N ILE B 603 -9.84 37.25 -22.39
CA ILE B 603 -10.62 36.28 -21.64
C ILE B 603 -12.07 36.77 -21.57
N LYS B 604 -12.99 35.99 -22.13
CA LYS B 604 -14.41 36.29 -22.07
C LYS B 604 -14.98 35.53 -20.88
N LEU B 605 -15.19 36.21 -19.75
CA LEU B 605 -15.75 35.53 -18.59
C LEU B 605 -17.27 35.46 -18.71
N ASN B 606 -17.86 34.54 -17.96
CA ASN B 606 -19.32 34.40 -17.90
C ASN B 606 -19.89 33.95 -19.25
N THR B 607 -19.27 32.93 -19.82
CA THR B 607 -19.46 32.59 -21.22
C THR B 607 -19.46 31.06 -21.27
N ALA B 608 -20.64 30.46 -21.19
CA ALA B 608 -20.75 29.01 -21.16
C ALA B 608 -20.74 28.48 -22.60
N VAL B 609 -19.68 27.76 -22.99
CA VAL B 609 -19.72 27.10 -24.29
C VAL B 609 -20.79 26.02 -24.25
N ARG B 610 -21.68 26.03 -25.26
CA ARG B 610 -22.65 24.95 -25.38
C ARG B 610 -22.49 24.07 -26.61
N GLN B 611 -21.86 24.55 -27.67
CA GLN B 611 -21.70 23.69 -28.84
C GLN B 611 -20.35 23.97 -29.47
N VAL B 612 -19.57 22.92 -29.66
CA VAL B 612 -18.32 22.97 -30.40
C VAL B 612 -18.57 22.31 -31.73
N ARG B 613 -18.31 23.07 -32.79
CA ARG B 613 -18.70 22.71 -34.14
C ARG B 613 -17.46 22.93 -35.02
N TYR B 614 -16.97 21.85 -35.63
CA TYR B 614 -15.63 21.83 -36.23
C TYR B 614 -15.74 21.06 -37.54
N THR B 615 -15.24 21.67 -38.62
CA THR B 615 -15.45 21.16 -39.97
C THR B 615 -14.14 21.25 -40.74
N ALA B 616 -14.16 20.69 -41.96
CA ALA B 616 -12.92 20.58 -42.71
C ALA B 616 -12.27 21.95 -42.95
N SER B 617 -13.03 23.02 -42.79
CA SER B 617 -12.57 24.35 -43.18
C SER B 617 -12.44 25.33 -42.03
N GLY B 618 -12.66 24.88 -40.80
CA GLY B 618 -12.63 25.75 -39.65
C GLY B 618 -13.63 25.26 -38.62
N CYS B 619 -13.71 26.01 -37.51
CA CYS B 619 -14.63 25.67 -36.43
C CYS B 619 -15.39 26.91 -36.01
N GLU B 620 -16.57 26.67 -35.45
CA GLU B 620 -17.33 27.71 -34.77
C GLU B 620 -17.79 27.17 -33.40
N VAL B 621 -17.53 27.97 -32.36
CA VAL B 621 -17.85 27.64 -30.98
C VAL B 621 -19.05 28.50 -30.60
N ILE B 622 -20.04 27.89 -29.94
CA ILE B 622 -21.32 28.56 -29.66
C ILE B 622 -21.48 28.65 -28.14
N ALA B 623 -21.41 29.86 -27.60
CA ALA B 623 -21.53 30.07 -26.17
C ALA B 623 -22.73 30.97 -25.83
N VAL B 624 -23.18 30.90 -24.57
CA VAL B 624 -24.17 31.82 -24.02
C VAL B 624 -23.56 32.58 -22.86
N ASN B 625 -24.28 33.59 -22.41
CA ASN B 625 -23.92 34.36 -21.22
C ASN B 625 -24.56 33.72 -19.99
N THR B 626 -23.75 33.47 -18.96
CA THR B 626 -24.26 32.70 -17.83
C THR B 626 -25.35 33.41 -17.05
N ARG B 627 -25.44 34.74 -17.19
CA ARG B 627 -26.36 35.52 -16.37
C ARG B 627 -27.76 35.55 -16.99
N SER B 628 -27.90 36.12 -18.21
CA SER B 628 -29.07 35.89 -19.06
C SER B 628 -28.66 34.92 -20.16
N THR B 629 -29.17 33.69 -20.08
CA THR B 629 -28.68 32.63 -20.96
C THR B 629 -29.29 32.66 -22.35
N SER B 630 -30.35 33.46 -22.57
CA SER B 630 -30.86 33.62 -23.92
C SER B 630 -29.83 34.29 -24.84
N GLN B 631 -29.12 35.30 -24.35
CA GLN B 631 -28.10 36.01 -25.12
C GLN B 631 -26.95 35.12 -25.64
N THR B 632 -26.84 34.96 -26.96
CA THR B 632 -26.01 33.94 -27.61
C THR B 632 -24.82 34.52 -28.38
N PHE B 633 -23.72 33.77 -28.41
CA PHE B 633 -22.42 34.17 -28.96
C PHE B 633 -21.89 33.11 -29.93
N ILE B 634 -21.36 33.56 -31.07
CA ILE B 634 -20.74 32.68 -32.06
C ILE B 634 -19.30 33.11 -32.26
N TYR B 635 -18.38 32.15 -32.17
CA TYR B 635 -16.95 32.39 -32.36
C TYR B 635 -16.45 31.46 -33.47
N LYS B 636 -15.79 32.05 -34.47
CA LYS B 636 -15.18 31.33 -35.58
C LYS B 636 -13.68 31.28 -35.36
N CYS B 637 -13.07 30.16 -35.73
CA CYS B 637 -11.63 30.05 -35.48
C CYS B 637 -11.07 28.91 -36.31
N ASP B 638 -9.74 28.95 -36.48
CA ASP B 638 -9.04 27.87 -37.17
C ASP B 638 -9.00 26.58 -36.33
N ALA B 639 -8.94 26.68 -35.00
CA ALA B 639 -8.78 25.52 -34.13
C ALA B 639 -9.31 25.80 -32.73
N VAL B 640 -9.93 24.79 -32.13
CA VAL B 640 -10.49 24.87 -30.78
C VAL B 640 -9.65 24.00 -29.86
N LEU B 641 -9.11 24.61 -28.80
CA LEU B 641 -8.40 23.88 -27.76
C LEU B 641 -9.34 23.72 -26.58
N CYS B 642 -9.65 22.48 -26.23
CA CYS B 642 -10.69 22.17 -25.25
C CYS B 642 -10.05 21.75 -23.93
N THR B 643 -10.17 22.59 -22.88
CA THR B 643 -9.68 22.22 -21.57
C THR B 643 -10.88 22.05 -20.64
N LEU B 644 -11.95 21.47 -21.17
CA LEU B 644 -13.09 21.15 -20.33
C LEU B 644 -12.67 20.08 -19.35
N PRO B 645 -12.94 20.27 -18.06
CA PRO B 645 -12.81 19.20 -17.07
C PRO B 645 -13.36 17.87 -17.56
N LEU B 646 -12.70 16.77 -17.11
CA LEU B 646 -13.18 15.45 -17.50
C LEU B 646 -14.60 15.22 -17.02
N GLY B 647 -14.94 15.76 -15.85
CA GLY B 647 -16.28 15.61 -15.33
C GLY B 647 -17.33 16.28 -16.20
N VAL B 648 -16.98 17.44 -16.75
CA VAL B 648 -17.86 18.13 -17.69
C VAL B 648 -18.01 17.32 -18.96
N LEU B 649 -16.87 16.90 -19.55
CA LEU B 649 -16.86 16.01 -20.70
C LEU B 649 -17.69 14.76 -20.48
N LYS B 650 -17.99 14.44 -19.22
CA LYS B 650 -18.63 13.19 -18.90
C LYS B 650 -20.14 13.29 -18.80
N GLN B 651 -20.68 14.52 -18.58
CA GLN B 651 -22.11 14.73 -18.29
C GLN B 651 -22.99 13.98 -19.27
N GLN B 652 -23.99 13.31 -18.73
CA GLN B 652 -25.14 12.84 -19.52
C GLN B 652 -26.39 13.30 -18.78
N PRO B 653 -27.20 14.17 -19.40
CA PRO B 653 -26.97 14.52 -20.81
C PRO B 653 -25.95 15.68 -20.95
N PRO B 654 -25.38 15.82 -22.15
CA PRO B 654 -24.17 16.65 -22.32
C PRO B 654 -24.38 18.13 -21.98
N ALA B 655 -23.41 18.71 -21.29
CA ALA B 655 -23.36 20.16 -21.10
C ALA B 655 -22.85 20.87 -22.34
N VAL B 656 -22.11 20.15 -23.19
CA VAL B 656 -21.49 20.67 -24.40
C VAL B 656 -21.71 19.61 -25.46
N GLN B 657 -22.31 20.00 -26.57
CA GLN B 657 -22.53 19.15 -27.73
C GLN B 657 -21.38 19.34 -28.72
N PHE B 658 -20.83 18.23 -29.19
CA PHE B 658 -19.82 18.26 -30.24
C PHE B 658 -20.48 17.95 -31.58
N VAL B 659 -20.18 18.78 -32.57
CA VAL B 659 -20.82 18.69 -33.88
C VAL B 659 -19.72 18.71 -34.94
N PRO B 660 -19.37 17.55 -35.53
CA PRO B 660 -20.02 16.25 -35.27
C PRO B 660 -19.64 15.64 -33.91
N PRO B 661 -20.26 14.53 -33.55
CA PRO B 661 -19.92 13.86 -32.29
C PRO B 661 -18.44 13.52 -32.20
N LEU B 662 -17.95 13.44 -30.97
CA LEU B 662 -16.61 12.90 -30.74
C LEU B 662 -16.60 11.42 -31.14
N PRO B 663 -15.59 10.97 -31.88
CA PRO B 663 -15.48 9.55 -32.25
C PRO B 663 -15.55 8.62 -31.04
N GLU B 664 -15.98 7.39 -31.30
CA GLU B 664 -16.07 6.40 -30.21
C GLU B 664 -14.75 6.20 -29.46
N TRP B 665 -13.63 6.12 -30.17
CA TRP B 665 -12.38 5.97 -29.44
C TRP B 665 -12.16 7.06 -28.41
N LYS B 666 -12.75 8.24 -28.59
CA LYS B 666 -12.60 9.32 -27.63
C LYS B 666 -13.63 9.24 -26.52
N THR B 667 -14.87 8.85 -26.85
CA THR B 667 -15.97 8.93 -25.90
C THR B 667 -15.92 7.74 -24.96
N SER B 668 -15.40 6.61 -25.45
CA SER B 668 -15.14 5.45 -24.62
C SER B 668 -14.02 5.73 -23.64
N ALA B 669 -12.97 6.42 -24.08
CA ALA B 669 -11.95 6.82 -23.14
C ALA B 669 -12.50 7.74 -22.08
N VAL B 670 -13.54 8.50 -22.39
CA VAL B 670 -14.08 9.40 -21.38
C VAL B 670 -14.87 8.62 -20.34
N GLN B 671 -15.60 7.59 -20.77
CA GLN B 671 -16.29 6.74 -19.79
C GLN B 671 -15.31 5.97 -18.92
N ARG B 672 -14.32 5.33 -19.55
CA ARG B 672 -13.44 4.43 -18.82
C ARG B 672 -12.70 5.18 -17.72
N MET B 673 -12.24 6.39 -18.04
CA MET B 673 -11.44 7.17 -17.10
C MET B 673 -12.24 7.47 -15.84
N GLY B 674 -11.52 7.75 -14.77
CA GLY B 674 -12.14 8.05 -13.50
C GLY B 674 -12.02 9.55 -13.23
N PHE B 675 -13.11 10.13 -12.77
CA PHE B 675 -13.08 11.50 -12.30
C PHE B 675 -13.70 11.47 -10.93
N GLY B 676 -12.89 11.72 -9.91
CA GLY B 676 -13.30 11.62 -8.53
C GLY B 676 -13.61 12.96 -7.90
N ASN B 677 -13.58 12.99 -6.56
CA ASN B 677 -14.16 14.06 -5.75
C ASN B 677 -13.46 14.10 -4.40
N LEU B 678 -13.29 15.30 -3.88
CA LEU B 678 -12.71 15.49 -2.54
C LEU B 678 -12.99 16.93 -2.23
N ASN B 679 -13.71 17.22 -1.17
CA ASN B 679 -14.09 18.61 -0.86
C ASN B 679 -13.35 19.11 0.36
N LYS B 680 -13.52 20.37 0.71
CA LYS B 680 -12.84 20.75 1.95
C LYS B 680 -13.58 21.86 2.64
N VAL B 681 -13.36 21.98 3.94
CA VAL B 681 -14.06 22.99 4.77
C VAL B 681 -13.09 24.02 5.32
N VAL B 682 -13.43 25.29 5.23
CA VAL B 682 -12.56 26.36 5.66
C VAL B 682 -13.10 26.95 6.95
N LEU B 683 -12.26 27.00 8.00
CA LEU B 683 -12.64 27.36 9.35
C LEU B 683 -11.78 28.55 9.78
N CYS B 684 -12.42 29.71 9.93
CA CYS B 684 -11.74 30.97 10.23
C CYS B 684 -12.08 31.38 11.66
N PHE B 685 -11.06 31.40 12.50
CA PHE B 685 -11.25 31.74 13.90
C PHE B 685 -10.59 33.08 14.20
N ASP B 686 -10.87 33.58 15.40
CA ASP B 686 -10.24 34.79 15.91
C ASP B 686 -9.03 34.52 16.81
N ARG B 687 -8.58 33.27 16.93
CA ARG B 687 -7.37 32.99 17.69
C ARG B 687 -6.87 31.58 17.44
N VAL B 688 -5.55 31.43 17.36
CA VAL B 688 -4.93 30.11 17.25
C VAL B 688 -5.17 29.33 18.53
N PHE B 689 -5.77 28.14 18.40
CA PHE B 689 -6.03 27.24 19.52
C PHE B 689 -5.57 25.82 19.25
N TRP B 690 -4.60 25.64 18.38
CA TRP B 690 -4.04 24.35 18.02
C TRP B 690 -2.54 24.46 18.16
N ASP B 691 -1.87 23.33 17.98
CA ASP B 691 -0.42 23.34 18.04
C ASP B 691 0.15 24.08 16.83
N PRO B 692 0.74 25.27 17.00
CA PRO B 692 1.20 26.03 15.84
C PRO B 692 2.42 25.44 15.18
N SER B 693 3.14 24.54 15.83
CA SER B 693 4.30 23.91 15.21
C SER B 693 3.92 22.68 14.40
N VAL B 694 2.63 22.35 14.36
CA VAL B 694 2.10 21.20 13.62
C VAL B 694 1.24 21.74 12.48
N ASN B 695 1.64 21.40 11.25
CA ASN B 695 0.91 21.87 10.07
C ASN B 695 -0.39 21.11 9.89
N LEU B 696 -0.38 19.82 10.21
CA LEU B 696 -1.53 18.98 9.90
C LEU B 696 -1.68 17.86 10.91
N PHE B 697 -2.92 17.57 11.29
CA PHE B 697 -3.23 16.58 12.32
C PHE B 697 -4.54 15.89 11.97
N GLY B 698 -4.59 14.58 12.20
CA GLY B 698 -5.70 13.79 11.72
C GLY B 698 -6.82 13.58 12.74
N HIS B 699 -7.90 12.95 12.28
CA HIS B 699 -9.01 12.55 13.14
C HIS B 699 -9.45 11.17 12.66
N VAL B 700 -9.56 10.22 13.61
CA VAL B 700 -9.86 8.84 13.24
C VAL B 700 -11.35 8.64 13.30
N GLY B 701 -11.89 8.00 12.28
CA GLY B 701 -13.33 7.89 12.18
C GLY B 701 -13.85 6.69 12.92
N SER B 702 -15.16 6.74 13.19
CA SER B 702 -15.84 5.69 13.94
C SER B 702 -16.04 4.42 13.13
N THR B 703 -16.27 4.55 11.83
CA THR B 703 -16.69 3.45 10.99
C THR B 703 -15.65 3.31 9.89
N THR B 704 -15.64 2.18 9.17
CA THR B 704 -14.99 2.24 7.86
C THR B 704 -15.79 3.14 6.93
N ALA B 705 -17.13 3.16 7.10
CA ALA B 705 -17.99 3.85 6.15
C ALA B 705 -17.85 5.35 6.23
N SER B 706 -17.41 5.89 7.36
CA SER B 706 -17.22 7.32 7.52
C SER B 706 -15.73 7.68 7.67
N ARG B 707 -14.84 6.82 7.17
CA ARG B 707 -13.42 7.08 7.39
C ARG B 707 -12.97 8.38 6.72
N GLY B 708 -13.67 8.86 5.70
CA GLY B 708 -13.23 10.09 5.08
C GLY B 708 -13.80 11.35 5.68
N GLU B 709 -14.77 11.22 6.59
CA GLU B 709 -15.58 12.36 7.01
C GLU B 709 -14.76 13.20 7.98
N LEU B 710 -14.22 14.31 7.48
CA LEU B 710 -13.44 15.24 8.29
C LEU B 710 -12.22 14.57 8.93
N PHE B 711 -11.53 13.75 8.13
CA PHE B 711 -10.47 12.92 8.64
C PHE B 711 -9.14 13.66 8.83
N LEU B 712 -9.03 14.93 8.44
CA LEU B 712 -7.72 15.59 8.44
C LEU B 712 -7.86 17.11 8.40
N PHE B 713 -6.98 17.79 9.15
CA PHE B 713 -7.02 19.24 9.34
C PHE B 713 -5.66 19.84 9.00
N TRP B 714 -5.65 21.07 8.44
CA TRP B 714 -4.40 21.74 8.09
C TRP B 714 -4.32 23.11 8.75
N ASN B 715 -3.22 23.34 9.46
CA ASN B 715 -2.71 24.68 9.81
C ASN B 715 -1.72 25.06 8.73
N LEU B 716 -2.12 25.93 7.81
CA LEU B 716 -1.23 26.23 6.71
C LEU B 716 -0.92 27.71 6.55
N TYR B 717 -1.71 28.59 7.16
CA TYR B 717 -1.76 29.99 6.78
C TYR B 717 -1.29 30.88 7.94
N LYS B 718 -0.95 32.12 7.57
CA LYS B 718 -0.60 33.14 8.55
C LYS B 718 -1.72 33.32 9.58
N ALA B 719 -2.90 33.74 9.11
CA ALA B 719 -4.11 33.94 9.90
C ALA B 719 -4.57 32.67 10.60
N PRO B 720 -5.42 32.78 11.61
CA PRO B 720 -5.96 31.57 12.27
C PRO B 720 -6.98 30.81 11.43
N ILE B 721 -6.51 30.04 10.45
CA ILE B 721 -7.39 29.24 9.59
C ILE B 721 -6.98 27.78 9.71
N LEU B 722 -7.96 26.96 10.08
CA LEU B 722 -7.88 25.51 10.00
C LEU B 722 -8.72 25.03 8.84
N LEU B 723 -8.18 24.08 8.09
CA LEU B 723 -8.79 23.63 6.85
C LEU B 723 -8.97 22.12 6.96
N ALA B 724 -10.19 21.65 6.70
CA ALA B 724 -10.59 20.27 7.01
C ALA B 724 -11.04 19.52 5.76
N LEU B 725 -10.42 18.37 5.50
CA LEU B 725 -10.70 17.54 4.32
C LEU B 725 -11.90 16.62 4.50
N VAL B 726 -12.61 16.36 3.39
CA VAL B 726 -13.69 15.36 3.32
C VAL B 726 -13.42 14.47 2.12
N ALA B 727 -12.96 13.24 2.35
CA ALA B 727 -12.47 12.40 1.24
C ALA B 727 -13.31 11.14 1.11
N GLY B 728 -12.91 10.29 0.17
CA GLY B 728 -13.49 8.96 -0.02
C GLY B 728 -14.99 8.97 -0.29
N GLU B 729 -15.62 7.85 0.10
CA GLU B 729 -17.08 7.73 -0.04
C GLU B 729 -17.83 8.87 0.63
N ALA B 730 -17.24 9.45 1.68
CA ALA B 730 -17.86 10.51 2.46
C ALA B 730 -18.00 11.82 1.69
N ALA B 731 -17.03 12.13 0.81
CA ALA B 731 -17.03 13.39 0.06
C ALA B 731 -18.36 13.61 -0.64
N GLY B 732 -18.77 12.62 -1.43
CA GLY B 732 -19.97 12.70 -2.23
C GLY B 732 -21.25 12.75 -1.44
N ILE B 733 -21.22 12.40 -0.15
CA ILE B 733 -22.40 12.38 0.71
C ILE B 733 -22.52 13.67 1.50
N MET B 734 -21.38 14.24 1.91
CA MET B 734 -21.41 15.53 2.60
C MET B 734 -21.90 16.68 1.73
N GLU B 735 -21.97 16.49 0.42
CA GLU B 735 -22.46 17.55 -0.44
C GLU B 735 -23.98 17.71 -0.34
N ASN B 736 -24.63 16.85 0.45
CA ASN B 736 -26.07 16.83 0.64
C ASN B 736 -26.44 17.26 2.05
N ILE B 737 -25.62 18.10 2.67
CA ILE B 737 -25.72 18.39 4.10
C ILE B 737 -25.27 19.81 4.32
N SER B 738 -26.09 20.61 5.01
CA SER B 738 -25.91 22.06 5.08
C SER B 738 -24.56 22.41 5.69
N ASP B 739 -24.14 23.65 5.46
CA ASP B 739 -22.83 24.09 5.96
C ASP B 739 -22.78 24.08 7.47
N ASP B 740 -23.85 24.54 8.10
CA ASP B 740 -23.96 24.53 9.56
C ASP B 740 -23.76 23.13 10.13
N VAL B 741 -24.54 22.16 9.65
CA VAL B 741 -24.32 20.78 10.05
C VAL B 741 -22.86 20.35 9.86
N ILE B 742 -22.25 20.80 8.78
CA ILE B 742 -20.87 20.29 8.53
C ILE B 742 -19.96 20.98 9.50
N VAL B 743 -20.15 22.26 9.62
CA VAL B 743 -19.29 23.05 10.54
C VAL B 743 -19.54 22.57 11.96
N GLY B 744 -20.79 22.27 12.30
CA GLY B 744 -21.08 21.76 13.65
C GLY B 744 -20.29 20.50 13.88
N ARG B 745 -20.28 19.59 12.93
CA ARG B 745 -19.50 18.35 13.14
C ARG B 745 -18.04 18.70 13.30
N CYS B 746 -17.52 19.63 12.52
CA CYS B 746 -16.09 19.98 12.66
C CYS B 746 -15.82 20.52 14.04
N LEU B 747 -16.69 21.33 14.58
CA LEU B 747 -16.38 21.88 15.91
C LEU B 747 -16.30 20.76 16.92
N ALA B 748 -17.23 19.83 16.85
CA ALA B 748 -17.28 18.74 17.82
C ALA B 748 -15.97 17.97 17.78
N ILE B 749 -15.46 17.65 16.59
CA ILE B 749 -14.19 16.90 16.54
C ILE B 749 -13.10 17.73 17.18
N LEU B 750 -13.06 19.00 16.87
CA LEU B 750 -12.00 19.81 17.49
C LEU B 750 -12.20 19.86 18.99
N LYS B 751 -13.44 20.01 19.44
CA LYS B 751 -13.72 20.07 20.89
C LYS B 751 -13.09 18.85 21.54
N GLY B 752 -13.30 17.68 21.02
CA GLY B 752 -12.71 16.45 21.51
C GLY B 752 -11.21 16.50 21.66
N ILE B 753 -10.56 17.12 20.68
CA ILE B 753 -9.08 17.09 20.69
C ILE B 753 -8.58 18.28 21.46
N PHE B 754 -9.37 19.32 21.56
CA PHE B 754 -8.77 20.48 22.24
C PHE B 754 -9.56 20.91 23.47
N GLY B 755 -10.75 20.36 23.65
CA GLY B 755 -11.52 20.73 24.85
C GLY B 755 -12.49 21.82 24.53
N SER B 756 -13.71 21.70 25.05
CA SER B 756 -14.79 22.64 24.70
C SER B 756 -14.44 24.08 25.04
N SER B 757 -13.54 24.29 25.98
CA SER B 757 -13.27 25.68 26.36
C SER B 757 -12.52 26.41 25.25
N ALA B 758 -11.49 25.81 24.67
CA ALA B 758 -10.65 26.56 23.72
C ALA B 758 -11.10 26.48 22.26
N VAL B 759 -12.34 26.18 21.98
CA VAL B 759 -12.68 26.11 20.54
C VAL B 759 -13.94 26.93 20.29
N PRO B 760 -13.77 28.21 19.99
CA PRO B 760 -14.87 29.12 19.88
C PRO B 760 -15.54 29.01 18.53
N GLN B 761 -16.76 29.50 18.42
CA GLN B 761 -17.44 29.50 17.11
C GLN B 761 -16.60 30.36 16.21
N PRO B 762 -16.32 29.91 14.81
CA PRO B 762 -15.57 30.41 13.65
C PRO B 762 -16.22 31.65 13.04
N LYS B 763 -15.36 32.62 12.72
CA LYS B 763 -15.85 33.92 12.24
C LYS B 763 -16.39 33.83 10.81
N GLU B 764 -15.67 33.12 9.94
CA GLU B 764 -16.07 32.87 8.55
C GLU B 764 -15.90 31.38 8.23
N THR B 765 -16.91 30.78 7.57
CA THR B 765 -16.81 29.39 7.13
C THR B 765 -17.26 29.20 5.68
N VAL B 766 -16.52 28.33 4.97
CA VAL B 766 -16.71 27.99 3.56
C VAL B 766 -16.66 26.47 3.42
N VAL B 767 -17.59 25.90 2.65
CA VAL B 767 -17.59 24.47 2.30
C VAL B 767 -17.62 24.32 0.80
N SER B 768 -16.70 23.53 0.25
CA SER B 768 -16.69 23.27 -1.19
C SER B 768 -17.65 22.12 -1.53
N ARG B 769 -18.13 22.14 -2.78
CA ARG B 769 -19.01 21.10 -3.35
C ARG B 769 -18.63 20.88 -4.82
N TRP B 770 -17.48 20.23 -5.02
CA TRP B 770 -16.90 20.16 -6.35
C TRP B 770 -17.68 19.24 -7.28
N ARG B 771 -18.25 18.15 -6.77
CA ARG B 771 -19.08 17.35 -7.65
C ARG B 771 -20.33 18.10 -8.04
N ALA B 772 -20.83 18.93 -7.11
CA ALA B 772 -22.00 19.74 -7.39
C ALA B 772 -21.71 20.80 -8.46
N ASP B 773 -20.61 21.51 -8.28
CA ASP B 773 -20.20 22.60 -9.19
C ASP B 773 -20.32 22.12 -10.60
N PRO B 774 -21.07 22.78 -11.48
CA PRO B 774 -21.30 22.27 -12.79
C PRO B 774 -20.22 22.62 -13.79
N TRP B 775 -19.23 23.39 -13.37
CA TRP B 775 -18.09 23.70 -14.25
C TRP B 775 -16.93 22.78 -13.88
N ALA B 776 -17.18 21.79 -13.08
CA ALA B 776 -16.10 20.86 -12.74
C ALA B 776 -16.70 19.49 -12.70
N ARG B 777 -17.79 19.36 -11.95
CA ARG B 777 -18.45 18.07 -11.75
C ARG B 777 -17.44 17.09 -11.20
N GLY B 778 -16.70 17.49 -10.19
CA GLY B 778 -15.66 16.62 -9.63
C GLY B 778 -14.43 17.41 -9.30
N SER B 779 -13.49 16.76 -8.66
CA SER B 779 -12.23 17.39 -8.26
C SER B 779 -11.04 17.10 -9.19
N TYR B 780 -10.80 15.85 -9.57
CA TYR B 780 -9.74 15.53 -10.54
C TYR B 780 -9.78 14.05 -10.86
N SER B 781 -8.99 13.65 -11.86
CA SER B 781 -9.09 12.31 -12.41
C SER B 781 -8.32 11.30 -11.57
N TYR B 782 -8.62 10.03 -11.83
CA TYR B 782 -7.92 8.93 -11.21
C TYR B 782 -7.86 7.81 -12.24
N VAL B 783 -7.03 6.80 -11.98
CA VAL B 783 -6.94 5.69 -12.92
C VAL B 783 -7.98 4.70 -12.43
N ALA B 784 -9.15 4.72 -13.06
CA ALA B 784 -10.22 3.85 -12.61
C ALA B 784 -9.92 2.42 -12.98
N ALA B 785 -10.59 1.50 -12.28
CA ALA B 785 -10.49 0.10 -12.65
C ALA B 785 -10.99 -0.11 -14.08
N GLY B 786 -10.24 -0.89 -14.84
CA GLY B 786 -10.51 -1.06 -16.25
C GLY B 786 -10.02 0.06 -17.13
N SER B 787 -9.42 1.11 -16.57
CA SER B 787 -8.75 2.15 -17.34
C SER B 787 -7.25 1.86 -17.29
N SER B 788 -6.45 2.68 -17.95
CA SER B 788 -5.01 2.62 -17.81
C SER B 788 -4.46 3.99 -18.12
N GLY B 789 -3.14 4.11 -18.08
CA GLY B 789 -2.58 5.38 -18.47
C GLY B 789 -2.79 5.66 -19.93
N ASN B 790 -3.00 4.61 -20.73
CA ASN B 790 -3.28 4.78 -22.15
C ASN B 790 -4.51 5.67 -22.40
N ASP B 791 -5.52 5.62 -21.54
CA ASP B 791 -6.67 6.48 -21.74
C ASP B 791 -6.28 7.93 -21.63
N TYR B 792 -5.32 8.25 -20.77
CA TYR B 792 -4.84 9.62 -20.66
C TYR B 792 -4.24 10.10 -21.97
N ASP B 793 -3.65 9.19 -22.75
CA ASP B 793 -3.08 9.56 -24.04
C ASP B 793 -4.15 9.70 -25.12
N LEU B 794 -5.12 8.79 -25.14
CA LEU B 794 -6.32 9.00 -25.93
C LEU B 794 -6.94 10.38 -25.68
N MET B 795 -7.13 10.78 -24.41
CA MET B 795 -7.74 12.09 -24.18
C MET B 795 -6.97 13.20 -24.87
N ALA B 796 -5.68 13.01 -25.13
CA ALA B 796 -4.96 14.13 -25.71
C ALA B 796 -4.89 14.12 -27.24
N GLN B 797 -5.16 12.97 -27.92
CA GLN B 797 -5.17 12.98 -29.38
C GLN B 797 -6.18 14.00 -29.88
N PRO B 798 -5.79 14.86 -30.82
CA PRO B 798 -6.74 15.81 -31.40
C PRO B 798 -7.69 15.14 -32.39
N ILE B 799 -8.71 15.86 -32.83
CA ILE B 799 -9.66 15.26 -33.79
C ILE B 799 -9.56 15.92 -35.16
N THR B 800 -9.52 15.15 -36.22
CA THR B 800 -9.43 15.73 -37.56
C THR B 800 -10.74 15.42 -38.25
N PRO B 801 -11.50 16.42 -38.67
CA PRO B 801 -12.80 16.21 -39.21
C PRO B 801 -12.77 15.68 -40.63
N GLY B 802 -13.89 15.17 -41.08
CA GLY B 802 -13.97 14.60 -42.43
C GLY B 802 -13.92 15.65 -43.49
N PRO B 803 -13.59 15.31 -44.73
CA PRO B 803 -13.48 16.29 -45.76
C PRO B 803 -14.88 16.80 -46.05
N SER B 804 -15.01 18.10 -46.28
CA SER B 804 -16.30 18.73 -46.60
C SER B 804 -16.81 18.20 -47.93
N ILE B 805 -15.96 18.20 -48.93
CA ILE B 805 -16.36 17.73 -50.28
C ILE B 805 -15.74 16.36 -50.43
N PRO B 806 -16.49 15.29 -50.70
CA PRO B 806 -15.91 13.98 -50.79
C PRO B 806 -14.88 13.97 -51.92
N GLY B 807 -13.75 13.34 -51.65
CA GLY B 807 -12.64 13.31 -52.61
C GLY B 807 -11.68 14.43 -52.32
N ALA B 808 -11.97 15.27 -51.35
CA ALA B 808 -10.95 16.29 -51.05
C ALA B 808 -9.92 15.65 -50.16
N PRO B 809 -8.71 16.18 -50.08
CA PRO B 809 -7.66 15.57 -49.33
C PRO B 809 -7.89 15.71 -47.84
N GLN B 810 -7.22 14.86 -47.08
CA GLN B 810 -7.38 14.82 -45.62
C GLN B 810 -7.07 16.17 -45.03
N PRO B 811 -7.94 16.64 -44.14
CA PRO B 811 -7.81 17.93 -43.55
C PRO B 811 -6.81 17.98 -42.41
N ILE B 812 -6.63 19.20 -41.95
CA ILE B 812 -5.80 19.54 -40.78
C ILE B 812 -6.61 19.18 -39.55
N PRO B 813 -6.00 18.90 -38.39
CA PRO B 813 -6.75 18.59 -37.20
C PRO B 813 -7.34 19.90 -36.67
N ARG B 814 -8.50 19.88 -36.02
CA ARG B 814 -9.03 21.18 -35.61
C ARG B 814 -9.39 21.23 -34.14
N LEU B 815 -9.82 20.13 -33.57
CA LEU B 815 -10.22 20.06 -32.15
C LEU B 815 -9.08 19.45 -31.34
N PHE B 816 -8.52 20.22 -30.41
CA PHE B 816 -7.40 19.83 -29.56
C PHE B 816 -7.82 19.77 -28.08
N PHE B 817 -7.10 18.94 -27.30
CA PHE B 817 -7.45 18.74 -25.89
C PHE B 817 -6.26 18.92 -24.96
N ALA B 818 -6.52 19.62 -23.90
CA ALA B 818 -5.50 19.81 -22.88
C ALA B 818 -6.15 19.76 -21.52
N GLY B 819 -5.39 19.91 -20.49
CA GLY B 819 -6.00 19.81 -19.17
C GLY B 819 -5.41 18.67 -18.41
N GLU B 820 -5.75 18.58 -17.13
CA GLU B 820 -5.21 17.61 -16.17
C GLU B 820 -5.50 16.20 -16.59
N HIS B 821 -6.56 15.91 -17.30
CA HIS B 821 -6.79 14.50 -17.64
C HIS B 821 -6.08 14.12 -18.93
N THR B 822 -5.23 14.93 -19.51
CA THR B 822 -4.62 14.51 -20.78
C THR B 822 -3.13 14.24 -20.64
N ILE B 823 -2.55 14.45 -19.48
CA ILE B 823 -1.10 14.26 -19.41
C ILE B 823 -0.89 12.99 -18.63
N ARG B 824 -0.62 11.91 -19.31
CA ARG B 824 -0.60 10.60 -18.67
C ARG B 824 0.44 10.51 -17.59
N ASN B 825 1.57 11.14 -17.76
CA ASN B 825 2.63 10.91 -16.78
C ASN B 825 2.52 11.83 -15.59
N TYR B 826 1.63 12.80 -15.58
CA TYR B 826 1.64 13.70 -14.42
C TYR B 826 0.22 14.15 -14.13
N PRO B 827 -0.98 13.27 -14.06
CA PRO B 827 -2.40 13.56 -13.97
C PRO B 827 -2.76 14.22 -12.66
N ALA B 828 -3.96 14.78 -12.66
CA ALA B 828 -4.63 15.27 -11.48
C ALA B 828 -3.76 16.23 -10.65
N THR B 829 -3.00 17.07 -11.34
CA THR B 829 -2.20 18.09 -10.65
C THR B 829 -2.31 19.42 -11.39
N VAL B 830 -1.67 20.45 -10.82
CA VAL B 830 -1.55 21.73 -11.51
C VAL B 830 -0.39 21.72 -12.48
N HIS B 831 0.78 21.32 -12.01
CA HIS B 831 1.92 21.25 -12.91
C HIS B 831 1.57 20.40 -14.12
N GLY B 832 0.72 19.39 -13.94
CA GLY B 832 0.32 18.57 -15.06
C GLY B 832 -0.64 19.28 -15.98
N ALA B 833 -1.55 20.08 -15.43
CA ALA B 833 -2.41 20.88 -16.27
C ALA B 833 -1.57 21.85 -17.11
N LEU B 834 -0.80 22.71 -16.42
CA LEU B 834 0.20 23.57 -17.06
C LEU B 834 0.96 22.82 -18.15
N LEU B 835 1.52 21.67 -17.83
CA LEU B 835 2.34 21.01 -18.83
C LEU B 835 1.53 20.69 -20.08
N SER B 836 0.28 20.24 -19.91
CA SER B 836 -0.53 19.91 -21.08
C SER B 836 -0.86 21.14 -21.90
N GLY B 837 -1.14 22.26 -21.24
CA GLY B 837 -1.34 23.50 -21.98
C GLY B 837 -0.12 23.89 -22.79
N LEU B 838 1.06 23.87 -22.17
CA LEU B 838 2.28 24.10 -22.92
C LEU B 838 2.35 23.15 -24.11
N ARG B 839 1.92 21.90 -23.90
CA ARG B 839 2.02 20.88 -24.92
C ARG B 839 1.19 21.22 -26.15
N GLU B 840 -0.12 21.38 -25.97
CA GLU B 840 -0.98 21.60 -27.12
C GLU B 840 -0.55 22.87 -27.85
N ALA B 841 -0.35 23.97 -27.11
CA ALA B 841 0.20 25.18 -27.70
C ALA B 841 1.39 24.89 -28.60
N GLY B 842 2.26 24.01 -28.15
CA GLY B 842 3.26 23.48 -29.05
C GLY B 842 2.64 22.90 -30.30
N ARG B 843 1.79 21.86 -30.19
CA ARG B 843 1.50 21.12 -31.42
C ARG B 843 0.56 21.92 -32.32
N ILE B 844 -0.13 22.92 -31.76
CA ILE B 844 -1.03 23.75 -32.55
C ILE B 844 -0.21 24.73 -33.38
N ALA B 845 0.74 25.40 -32.75
CA ALA B 845 1.65 26.23 -33.51
C ALA B 845 2.33 25.44 -34.63
N ASP B 846 2.85 24.26 -34.29
CA ASP B 846 3.45 23.39 -35.30
C ASP B 846 2.50 23.18 -36.47
N GLN B 847 1.21 23.14 -36.18
CA GLN B 847 0.21 22.86 -37.20
C GLN B 847 -0.05 24.05 -38.09
N PHE B 848 -0.35 25.18 -37.50
CA PHE B 848 -0.72 26.31 -38.35
C PHE B 848 0.41 27.27 -38.54
N LEU B 849 1.49 27.15 -37.82
CA LEU B 849 2.55 28.14 -38.04
C LEU B 849 3.71 27.51 -38.77
N GLY B 850 3.79 26.19 -38.81
CA GLY B 850 4.90 25.54 -39.51
C GLY B 850 6.04 25.24 -38.58
N ALA B 851 6.67 24.11 -38.78
CA ALA B 851 7.79 23.77 -37.90
C ALA B 851 9.03 23.91 -38.75
N MET B 852 9.76 25.01 -38.63
CA MET B 852 10.94 25.18 -39.50
C MET B 852 12.19 24.58 -38.85
N TYR B 853 12.04 23.98 -37.66
CA TYR B 853 13.14 23.35 -36.88
C TYR B 853 13.38 21.89 -37.28
N THR B 854 12.62 21.32 -38.20
CA THR B 854 12.84 19.87 -38.40
C THR B 854 13.65 19.53 -39.65
N LEU B 855 14.31 20.51 -40.27
CA LEU B 855 15.13 20.28 -41.48
C LEU B 855 16.64 20.07 -41.19
C4 YAO C . -6.55 19.75 -6.72
C14 YAO C . -0.55 16.12 -5.59
C5 YAO C . -6.44 19.79 -5.37
C6 YAO C . -7.54 19.97 -4.58
C11 YAO C . -3.69 17.96 -4.80
C7 YAO C . -8.79 20.07 -5.13
C8 YAO C . -10.01 20.26 -4.29
C9 YAO C . -5.35 18.88 -3.62
C10 YAO C . -4.98 17.51 -4.17
C12 YAO C . -2.80 16.90 -5.37
C13 YAO C . -1.44 17.03 -5.10
N1 YAO C . -5.26 19.71 -4.76
N2 YAO C . -2.74 13.75 -7.31
C3 YAO C . -7.80 19.83 -7.31
N3 YAO C . -2.03 20.45 -5.85
C1 YAO C . -10.26 20.12 -7.16
C15 YAO C . -0.99 15.04 -6.31
C16 YAO C . -2.33 14.88 -6.58
C17 YAO C . -1.96 12.77 -7.81
C18 YAO C . -2.64 11.61 -8.42
C19 YAO C . -3.99 11.55 -8.71
C2 YAO C . -8.90 20.01 -6.54
C20 YAO C . -4.53 10.44 -9.32
C21 YAO C . -3.74 9.37 -9.62
C22 YAO C . -2.41 9.41 -9.34
C23 YAO C . -1.85 10.52 -8.75
C24 YAO C . -3.24 15.81 -6.08
C25 YAO C . -4.08 19.30 -5.49
C26 YAO C . -3.00 20.19 -5.01
C27 YAO C . -2.14 20.11 -7.14
C28 YAO C . -4.24 19.53 -6.93
C29 YAO C . -5.60 19.28 -8.92
C30 YAO C . -5.62 20.51 -9.74
C31 YAO C . -5.99 20.26 -11.20
C32 YAO C . -5.95 21.52 -12.05
C33 YAO C . -6.88 21.50 -13.22
C34 YAO C . -11.46 24.43 -16.10
C35 YAO C . -11.91 25.73 -16.67
C36 YAO C . -14.05 26.10 -17.37
C37 YAO C . -15.67 24.37 -17.46
C38 YAO C . -16.92 25.02 -19.02
C39 YAO C . -17.87 25.28 -20.00
C40 YAO C . -16.72 27.18 -20.48
C41 YAO C . -15.93 25.93 -18.87
C42 YAO C . -14.03 26.04 -15.87
C43 YAO C . -12.65 26.62 -15.69
N10 YAO C . -15.77 27.04 -19.58
N4 YAO C . -3.24 19.73 -7.68
N5 YAO C . -5.42 19.57 -7.49
N6 YAO C . -15.13 25.45 -17.90
N7 YAO C . -16.75 24.02 -18.11
N8 YAO C . -18.89 24.47 -20.25
N9 YAO C . -17.73 26.37 -20.74
O1 YAO C . -4.40 19.36 -2.73
O10 YAO C . -6.65 23.28 -16.54
O11 YAO C . -8.75 22.44 -15.57
O12 YAO C . -8.53 24.29 -14.10
O13 YAO C . -10.63 22.92 -14.13
O14 YAO C . -10.06 24.42 -15.95
O15 YAO C . -12.89 25.40 -17.68
O16 YAO C . -14.99 26.89 -15.31
O17 YAO C . -12.75 27.98 -16.09
O2 YAO C . -0.74 12.83 -7.82
O3 YAO C . -2.99 20.66 -3.89
O4 YAO C . -1.16 20.16 -7.81
O5 YAO C . -6.61 21.26 -9.27
O6 YAO C . -4.95 19.51 -11.65
O7 YAO C . -6.32 22.58 -11.18
O8 YAO C . -6.71 22.54 -14.20
O9 YAO C . -7.05 20.93 -16.04
P1 YAO C . -7.23 22.31 -15.64
P2 YAO C . -9.51 23.52 -14.83
#